data_3NIY
#
_entry.id   3NIY
#
_cell.length_a   58.538
_cell.length_b   58.554
_cell.length_c   61.579
_cell.angle_alpha   84.54
_cell.angle_beta   70.82
_cell.angle_gamma   68.87
#
_symmetry.space_group_name_H-M   'P 1'
#
loop_
_entity.id
_entity.type
_entity.pdbx_description
1 polymer Endo-1,4-beta-xylanase
2 non-polymer 'SULFATE ION'
3 non-polymer 'ACETATE ION'
4 water water
#
_entity_poly.entity_id   1
_entity_poly.type   'polypeptide(L)'
_entity_poly.pdbx_seq_one_letter_code
;MGHHHHHHENLYFQGHMQNVSLRELAEKLNIYIGFAAINNFWSLSDEEKYMEVARREFNILTPENQMKWDTIHPERDRYN
FTPAEKHVEFAEENNMIVHGHTLVWHNQLPGWITGREWTKEELLNVLEDHIKTVVSHFKGRVKIWDVVNEAVSDSGTYRE
SVWYKTIGPEYIEKAFRWTKEADPDAILIYNDYSIEEINAKSNFVYNMIKELKEKGVPVDGIGFQMHIDYRGLNYDSFRR
NLERFAKLGLQIYITEMDVRIPLSGSEDYYLKKQAEICAKIFDICLDNPAVKAIQFWGFTDKYSWVPGFFKGYGKALLFD
ENYNPKPCYYAIKEVLEKKIE
;
_entity_poly.pdbx_strand_id   A,B
#
# COMPACT_ATOMS: atom_id res chain seq x y z
N HIS A 16 10.77 38.53 -22.52
CA HIS A 16 11.59 39.18 -21.44
C HIS A 16 10.79 39.47 -20.21
N MET A 17 10.60 38.36 -19.50
CA MET A 17 10.22 38.42 -18.11
C MET A 17 11.32 39.08 -17.33
N GLN A 18 10.94 39.77 -16.26
CA GLN A 18 11.92 40.52 -15.46
C GLN A 18 12.94 39.68 -14.65
N ASN A 19 12.56 38.50 -14.21
CA ASN A 19 13.56 37.75 -13.45
C ASN A 19 13.93 36.62 -14.36
N VAL A 20 15.12 36.10 -14.18
CA VAL A 20 15.55 34.98 -14.94
C VAL A 20 15.91 33.97 -13.84
N SER A 21 15.09 32.95 -13.69
CA SER A 21 15.37 31.94 -12.66
C SER A 21 16.17 30.74 -13.15
N LEU A 22 16.63 29.95 -12.17
CA LEU A 22 17.36 28.75 -12.54
C LEU A 22 16.45 27.81 -13.31
N ARG A 23 15.19 27.64 -12.84
CA ARG A 23 14.31 26.69 -13.49
C ARG A 23 13.96 27.12 -14.91
N GLU A 24 13.86 28.43 -15.12
CA GLU A 24 13.61 28.90 -16.49
C GLU A 24 14.75 28.57 -17.41
N LEU A 25 16.01 28.72 -16.95
CA LEU A 25 17.16 28.40 -17.75
C LEU A 25 17.27 26.90 -17.95
N ALA A 26 16.96 26.13 -16.92
CA ALA A 26 16.96 24.67 -17.07
C ALA A 26 15.95 24.19 -18.12
N GLU A 27 14.75 24.79 -18.12
CA GLU A 27 13.68 24.45 -19.09
C GLU A 27 14.23 24.69 -20.52
N LYS A 28 14.91 25.85 -20.72
CA LYS A 28 15.57 26.08 -22.04
C LYS A 28 16.62 25.05 -22.46
N LEU A 29 17.32 24.45 -21.49
CA LEU A 29 18.34 23.49 -21.77
C LEU A 29 17.78 22.03 -21.64
N ASN A 30 16.45 21.90 -21.46
CA ASN A 30 15.78 20.61 -21.28
C ASN A 30 16.42 19.75 -20.18
N ILE A 31 16.79 20.45 -19.10
CA ILE A 31 17.27 19.70 -17.90
C ILE A 31 16.45 20.14 -16.72
N TYR A 32 16.64 19.45 -15.60
CA TYR A 32 15.98 19.93 -14.39
C TYR A 32 17.00 20.47 -13.41
N ILE A 33 16.65 21.44 -12.60
CA ILE A 33 17.56 21.93 -11.54
C ILE A 33 16.75 22.05 -10.31
N GLY A 34 17.22 21.50 -9.18
CA GLY A 34 16.31 21.52 -8.03
C GLY A 34 17.05 21.21 -6.75
N PHE A 35 16.31 20.62 -5.83
CA PHE A 35 16.71 20.75 -4.35
C PHE A 35 16.10 19.61 -3.61
N ALA A 36 16.59 19.48 -2.39
CA ALA A 36 16.01 18.56 -1.39
C ALA A 36 15.22 19.39 -0.38
N ALA A 37 14.01 18.89 -0.09
CA ALA A 37 13.07 19.61 0.79
C ALA A 37 13.16 19.06 2.19
N ILE A 38 13.36 19.98 3.11
CA ILE A 38 13.52 19.61 4.56
C ILE A 38 12.19 19.05 5.12
N ASN A 39 12.31 18.13 6.10
CA ASN A 39 11.07 17.65 6.73
C ASN A 39 10.20 18.82 7.15
N ASN A 40 8.91 18.55 6.90
CA ASN A 40 7.87 19.48 7.40
C ASN A 40 8.18 20.92 6.98
N PHE A 41 8.59 21.11 5.73
CA PHE A 41 8.92 22.47 5.34
C PHE A 41 7.74 23.42 5.43
N TRP A 42 6.55 22.83 5.26
CA TRP A 42 5.31 23.67 5.24
C TRP A 42 5.01 24.20 6.66
N SER A 43 5.66 23.76 7.69
CA SER A 43 5.31 24.22 9.05
C SER A 43 6.53 24.90 9.69
N LEU A 44 7.58 25.17 8.90
CA LEU A 44 8.74 25.93 9.44
C LEU A 44 8.28 27.34 9.84
N SER A 45 8.97 27.98 10.81
CA SER A 45 8.59 29.43 11.11
C SER A 45 8.69 30.32 9.86
N ASP A 46 9.71 30.06 8.99
CA ASP A 46 9.81 30.80 7.75
C ASP A 46 9.34 30.01 6.53
N GLU A 47 8.34 29.14 6.71
CA GLU A 47 7.74 28.43 5.59
C GLU A 47 7.43 29.27 4.36
N GLU A 48 6.89 30.49 4.58
CA GLU A 48 6.47 31.24 3.43
C GLU A 48 7.65 31.59 2.51
N LYS A 49 8.72 32.04 3.14
CA LYS A 49 9.90 32.47 2.39
C LYS A 49 10.57 31.21 1.78
N TYR A 50 10.70 30.14 2.60
CA TYR A 50 11.30 28.96 2.05
C TYR A 50 10.58 28.46 0.81
N MET A 51 9.23 28.34 0.89
CA MET A 51 8.46 27.87 -0.22
C MET A 51 8.51 28.83 -1.46
N GLU A 52 8.56 30.12 -1.15
CA GLU A 52 8.63 31.07 -2.26
C GLU A 52 9.97 31.00 -3.04
N VAL A 53 11.09 30.89 -2.32
CA VAL A 53 12.37 30.79 -3.01
C VAL A 53 12.36 29.44 -3.79
N ALA A 54 11.88 28.34 -3.15
CA ALA A 54 11.88 27.06 -3.85
C ALA A 54 11.06 27.05 -5.18
N ARG A 55 9.80 27.53 -5.08
CA ARG A 55 8.99 27.59 -6.29
C ARG A 55 9.49 28.53 -7.36
N ARG A 56 10.15 29.64 -6.96
CA ARG A 56 10.70 30.55 -7.94
C ARG A 56 11.92 29.93 -8.73
N GLU A 57 12.71 29.13 -8.00
CA GLU A 57 13.98 28.69 -8.56
C GLU A 57 14.04 27.33 -9.19
N PHE A 58 13.21 26.39 -8.70
CA PHE A 58 13.51 24.99 -9.01
C PHE A 58 12.38 24.21 -9.68
N ASN A 59 12.77 23.21 -10.44
CA ASN A 59 11.76 22.41 -11.09
C ASN A 59 11.83 20.88 -10.85
N ILE A 60 12.55 20.50 -9.77
CA ILE A 60 12.55 19.09 -9.34
C ILE A 60 12.81 19.13 -7.82
N LEU A 61 12.12 18.26 -7.07
CA LEU A 61 12.20 18.24 -5.62
C LEU A 61 12.45 16.82 -5.19
N THR A 62 13.36 16.63 -4.26
CA THR A 62 13.54 15.34 -3.57
C THR A 62 13.20 15.57 -2.13
N PRO A 63 12.31 14.78 -1.54
CA PRO A 63 12.13 14.94 -0.08
C PRO A 63 13.40 14.45 0.61
N GLU A 64 13.95 15.27 1.51
CA GLU A 64 15.27 14.98 2.14
C GLU A 64 15.16 13.68 2.94
N ASN A 65 14.05 13.50 3.65
CA ASN A 65 13.93 12.29 4.55
C ASN A 65 12.59 11.66 4.56
N GLN A 66 11.53 12.38 4.14
CA GLN A 66 10.18 11.87 4.48
C GLN A 66 9.61 10.78 3.56
N MET A 67 10.41 10.28 2.59
CA MET A 67 10.07 9.06 1.88
C MET A 67 10.96 7.88 2.39
N LYS A 68 11.85 8.10 3.36
CA LYS A 68 12.72 7.01 3.89
C LYS A 68 11.87 6.09 4.71
N TRP A 69 12.45 4.91 4.93
CA TRP A 69 11.73 3.88 5.72
C TRP A 69 11.21 4.29 7.07
N ASP A 70 12.02 4.98 7.90
CA ASP A 70 11.57 5.38 9.28
C ASP A 70 10.31 6.21 9.26
N THR A 71 10.07 7.00 8.19
CA THR A 71 8.89 7.88 8.16
C THR A 71 7.80 7.06 7.46
N ILE A 72 8.09 6.47 6.34
CA ILE A 72 6.94 5.94 5.55
C ILE A 72 6.42 4.56 6.01
N HIS A 73 7.32 3.83 6.68
CA HIS A 73 7.01 2.40 7.05
C HIS A 73 7.42 2.16 8.48
N PRO A 74 6.81 2.88 9.42
CA PRO A 74 7.36 2.87 10.75
C PRO A 74 7.14 1.63 11.58
N GLU A 75 6.17 0.80 11.19
CA GLU A 75 6.01 -0.49 11.84
C GLU A 75 5.78 -1.50 10.72
N ARG A 76 5.95 -2.80 10.93
CA ARG A 76 5.91 -3.76 9.84
C ARG A 76 4.65 -3.63 8.97
N ASP A 77 3.50 -3.46 9.65
CA ASP A 77 2.26 -3.46 8.92
C ASP A 77 1.60 -2.11 8.94
N ARG A 78 2.40 -1.07 9.10
CA ARG A 78 1.81 0.32 9.09
C ARG A 78 2.54 1.17 8.07
N TYR A 79 1.82 1.89 7.20
CA TYR A 79 2.48 2.78 6.26
C TYR A 79 1.91 4.20 6.52
N ASN A 80 2.77 5.22 6.49
CA ASN A 80 2.33 6.61 6.64
C ASN A 80 2.86 7.39 5.50
N PHE A 81 1.97 7.67 4.55
CA PHE A 81 2.36 8.42 3.35
C PHE A 81 2.07 9.93 3.59
N THR A 82 1.61 10.37 4.77
CA THR A 82 1.04 11.72 4.92
C THR A 82 2.12 12.80 4.63
N PRO A 83 3.31 12.65 5.19
CA PRO A 83 4.28 13.74 4.94
C PRO A 83 4.81 13.67 3.52
N ALA A 84 5.10 12.47 3.00
CA ALA A 84 5.47 12.40 1.56
C ALA A 84 4.48 13.04 0.64
N GLU A 85 3.20 12.85 0.95
CA GLU A 85 2.15 13.42 0.05
C GLU A 85 2.23 14.95 0.13
N LYS A 86 2.61 15.57 1.22
CA LYS A 86 2.79 17.03 1.30
C LYS A 86 3.90 17.50 0.37
N HIS A 87 5.00 16.75 0.30
CA HIS A 87 6.05 17.07 -0.66
C HIS A 87 5.56 16.93 -2.08
N VAL A 88 4.88 15.83 -2.41
CA VAL A 88 4.42 15.58 -3.77
C VAL A 88 3.39 16.70 -4.16
N GLU A 89 2.49 17.06 -3.24
CA GLU A 89 1.47 18.11 -3.50
C GLU A 89 2.19 19.43 -3.81
N PHE A 90 3.23 19.82 -3.03
CA PHE A 90 3.89 21.06 -3.27
C PHE A 90 4.52 20.99 -4.67
N ALA A 91 5.18 19.88 -5.05
CA ALA A 91 5.84 19.78 -6.33
C ALA A 91 4.81 19.91 -7.43
N GLU A 92 3.69 19.19 -7.29
CA GLU A 92 2.71 19.18 -8.41
C GLU A 92 2.10 20.60 -8.56
N GLU A 93 1.87 21.28 -7.44
CA GLU A 93 1.26 22.61 -7.52
C GLU A 93 2.16 23.62 -8.18
N ASN A 94 3.44 23.36 -8.11
CA ASN A 94 4.46 24.34 -8.61
C ASN A 94 5.19 23.80 -9.83
N ASN A 95 4.56 22.87 -10.55
CA ASN A 95 5.13 22.27 -11.77
C ASN A 95 6.57 21.75 -11.63
N MET A 96 6.81 21.07 -10.51
CA MET A 96 8.10 20.37 -10.32
C MET A 96 7.91 18.87 -10.42
N ILE A 97 8.89 18.17 -10.94
CA ILE A 97 8.83 16.73 -10.88
C ILE A 97 9.38 16.26 -9.54
N VAL A 98 9.01 15.03 -9.19
CA VAL A 98 9.49 14.49 -7.90
C VAL A 98 10.47 13.35 -8.07
N HIS A 99 11.58 13.47 -7.32
CA HIS A 99 12.58 12.42 -7.22
C HIS A 99 12.47 11.70 -5.88
N GLY A 100 12.09 10.43 -5.95
CA GLY A 100 11.86 9.67 -4.74
C GLY A 100 13.19 9.17 -4.16
N HIS A 101 13.30 9.26 -2.83
CA HIS A 101 14.53 8.92 -2.13
C HIS A 101 14.14 8.36 -0.77
N THR A 102 14.56 7.14 -0.39
CA THR A 102 15.22 6.13 -1.20
C THR A 102 14.61 4.79 -0.71
N LEU A 103 14.57 3.83 -1.64
CA LEU A 103 13.82 2.58 -1.35
C LEU A 103 14.69 1.65 -0.54
N VAL A 104 15.97 1.54 -0.81
CA VAL A 104 16.84 0.58 -0.08
C VAL A 104 18.09 1.26 0.39
N TRP A 105 18.32 1.34 1.71
CA TRP A 105 19.51 2.04 2.24
C TRP A 105 19.80 1.36 3.57
N HIS A 106 21.02 1.55 4.05
CA HIS A 106 21.49 0.82 5.29
C HIS A 106 21.26 1.56 6.55
N ASN A 107 21.01 2.83 6.49
CA ASN A 107 20.92 3.67 7.68
C ASN A 107 19.48 4.03 7.95
N GLN A 108 19.28 4.47 9.18
CA GLN A 108 17.97 4.91 9.65
C GLN A 108 16.83 3.92 9.34
N LEU A 109 17.08 2.72 9.67
CA LEU A 109 16.04 1.75 9.53
C LEU A 109 15.32 1.71 10.86
N PRO A 110 14.02 1.38 10.82
CA PRO A 110 13.30 1.27 12.05
C PRO A 110 13.61 0.08 12.90
N GLY A 111 13.13 0.15 14.12
CA GLY A 111 13.47 -0.87 15.09
C GLY A 111 12.90 -2.22 14.68
N TRP A 112 11.73 -2.23 14.00
CA TRP A 112 11.24 -3.53 13.57
C TRP A 112 12.12 -4.27 12.57
N ILE A 113 13.02 -3.53 11.93
CA ILE A 113 14.03 -4.16 11.08
C ILE A 113 15.30 -4.41 11.91
N THR A 114 15.78 -3.41 12.62
CA THR A 114 17.15 -3.57 13.19
C THR A 114 17.14 -4.40 14.46
N GLY A 115 16.00 -4.60 15.13
CA GLY A 115 15.94 -5.23 16.45
C GLY A 115 15.68 -6.70 16.42
N ARG A 116 15.68 -7.29 15.25
CA ARG A 116 15.53 -8.79 15.22
C ARG A 116 16.41 -9.42 14.13
N GLU A 117 16.62 -10.71 14.27
CA GLU A 117 17.45 -11.49 13.35
C GLU A 117 16.55 -11.95 12.23
N TRP A 118 17.11 -11.94 11.00
CA TRP A 118 16.33 -12.23 9.83
C TRP A 118 17.01 -13.37 9.10
N THR A 119 16.21 -14.12 8.38
CA THR A 119 16.70 -15.00 7.35
C THR A 119 16.51 -14.44 5.98
N LYS A 120 17.23 -14.98 5.01
CA LYS A 120 17.15 -14.47 3.64
C LYS A 120 15.76 -14.44 3.06
N GLU A 121 15.00 -15.52 3.22
CA GLU A 121 13.69 -15.57 2.64
C GLU A 121 12.77 -14.49 3.26
N GLU A 122 12.81 -14.46 4.59
CA GLU A 122 11.94 -13.46 5.29
C GLU A 122 12.33 -12.01 4.89
N LEU A 123 13.64 -11.69 4.83
CA LEU A 123 14.03 -10.25 4.56
C LEU A 123 13.75 -9.92 3.08
N LEU A 124 13.95 -10.85 2.16
CA LEU A 124 13.51 -10.61 0.76
C LEU A 124 12.01 -10.26 0.68
N ASN A 125 11.21 -10.99 1.42
CA ASN A 125 9.78 -10.74 1.37
C ASN A 125 9.44 -9.36 1.97
N VAL A 126 10.15 -8.97 3.05
CA VAL A 126 9.97 -7.64 3.63
C VAL A 126 10.34 -6.57 2.59
N LEU A 127 11.49 -6.74 1.89
CA LEU A 127 11.94 -5.70 1.00
C LEU A 127 10.96 -5.61 -0.17
N GLU A 128 10.49 -6.74 -0.69
CA GLU A 128 9.55 -6.72 -1.88
C GLU A 128 8.25 -6.03 -1.47
N ASP A 129 7.78 -6.32 -0.27
CA ASP A 129 6.53 -5.65 0.16
C ASP A 129 6.71 -4.13 0.33
N HIS A 130 7.84 -3.66 0.87
CA HIS A 130 8.07 -2.26 1.10
C HIS A 130 8.11 -1.58 -0.23
N ILE A 131 8.96 -2.14 -1.13
CA ILE A 131 9.13 -1.51 -2.42
C ILE A 131 7.81 -1.52 -3.22
N LYS A 132 7.11 -2.66 -3.29
CA LYS A 132 5.86 -2.61 -4.11
C LYS A 132 4.83 -1.68 -3.48
N THR A 133 4.75 -1.65 -2.15
CA THR A 133 3.73 -0.73 -1.51
C THR A 133 4.04 0.71 -1.76
N VAL A 134 5.30 1.10 -1.57
CA VAL A 134 5.64 2.47 -1.71
C VAL A 134 5.61 2.93 -3.18
N VAL A 135 6.23 2.14 -4.05
CA VAL A 135 6.28 2.54 -5.44
C VAL A 135 4.86 2.54 -6.07
N SER A 136 4.04 1.53 -5.73
CA SER A 136 2.68 1.58 -6.30
C SER A 136 1.90 2.72 -5.74
N HIS A 137 2.11 3.13 -4.48
CA HIS A 137 1.38 4.30 -3.89
C HIS A 137 1.62 5.59 -4.73
N PHE A 138 2.84 5.76 -5.22
CA PHE A 138 3.17 7.00 -5.89
C PHE A 138 3.31 6.73 -7.42
N LYS A 139 2.77 5.65 -7.95
CA LYS A 139 2.87 5.28 -9.38
C LYS A 139 2.48 6.46 -10.26
N GLY A 140 3.40 6.78 -11.17
CA GLY A 140 3.13 7.89 -12.07
C GLY A 140 3.34 9.27 -11.53
N ARG A 141 3.54 9.48 -10.23
CA ARG A 141 3.66 10.77 -9.62
C ARG A 141 5.14 11.04 -9.24
N VAL A 142 5.89 9.98 -9.06
CA VAL A 142 7.36 10.09 -8.75
C VAL A 142 8.05 9.68 -10.06
N LYS A 143 8.76 10.62 -10.70
CA LYS A 143 9.36 10.28 -12.01
C LYS A 143 10.67 9.56 -11.94
N ILE A 144 11.39 9.74 -10.82
CA ILE A 144 12.79 9.15 -10.68
C ILE A 144 12.80 8.58 -9.29
N TRP A 145 13.19 7.31 -9.19
CA TRP A 145 13.42 6.71 -7.87
C TRP A 145 14.93 6.41 -7.66
N ASP A 146 15.41 6.82 -6.48
CA ASP A 146 16.77 6.24 -6.01
C ASP A 146 16.41 4.85 -5.41
N VAL A 147 16.58 3.81 -6.19
CA VAL A 147 16.12 2.48 -5.80
C VAL A 147 17.08 1.87 -4.75
N VAL A 148 18.39 1.95 -5.02
CA VAL A 148 19.37 1.49 -3.96
C VAL A 148 20.38 2.62 -3.83
N ASN A 149 20.68 2.96 -2.59
CA ASN A 149 21.55 4.08 -2.24
C ASN A 149 22.71 3.51 -1.43
N GLU A 150 23.93 3.83 -1.89
CA GLU A 150 25.14 3.62 -1.07
C GLU A 150 25.39 2.13 -0.77
N ALA A 151 25.31 1.25 -1.76
CA ALA A 151 25.52 -0.22 -1.50
C ALA A 151 26.97 -0.65 -1.46
N VAL A 152 27.84 0.30 -1.79
CA VAL A 152 29.27 0.00 -1.96
C VAL A 152 30.03 0.69 -0.81
N SER A 153 30.97 -0.02 -0.22
CA SER A 153 31.79 0.50 0.84
C SER A 153 32.85 1.46 0.32
N ASP A 154 33.46 2.16 1.26
CA ASP A 154 34.56 3.03 0.87
C ASP A 154 35.90 2.28 0.58
N SER A 155 35.90 0.97 0.50
CA SER A 155 37.04 0.34 -0.15
C SER A 155 36.68 -0.19 -1.53
N GLY A 156 35.42 -0.05 -1.95
CA GLY A 156 35.05 -0.67 -3.23
C GLY A 156 34.79 -2.17 -3.13
N THR A 157 34.08 -2.56 -2.07
CA THR A 157 33.43 -3.88 -1.98
C THR A 157 31.95 -3.67 -1.65
N TYR A 158 31.15 -4.74 -1.55
CA TYR A 158 29.81 -4.45 -1.10
C TYR A 158 29.70 -4.03 0.35
N ARG A 159 28.88 -3.01 0.63
CA ARG A 159 28.68 -2.56 1.98
C ARG A 159 27.98 -3.69 2.75
N GLU A 160 28.48 -4.00 3.98
CA GLU A 160 27.92 -5.05 4.80
C GLU A 160 26.67 -4.60 5.59
N SER A 161 25.65 -4.16 4.87
CA SER A 161 24.38 -3.74 5.46
C SER A 161 23.52 -4.94 5.88
N VAL A 162 22.44 -4.64 6.63
CA VAL A 162 21.49 -5.74 6.90
C VAL A 162 21.06 -6.50 5.61
N TRP A 163 20.82 -5.75 4.54
CA TRP A 163 20.39 -6.33 3.31
C TRP A 163 21.46 -7.27 2.73
N TYR A 164 22.66 -6.73 2.61
CA TYR A 164 23.73 -7.56 2.10
C TYR A 164 24.09 -8.79 2.97
N LYS A 165 24.22 -8.56 4.25
CA LYS A 165 24.61 -9.66 5.14
C LYS A 165 23.57 -10.80 5.08
N THR A 166 22.28 -10.46 4.98
CA THR A 166 21.23 -11.47 5.11
C THR A 166 20.90 -12.12 3.76
N ILE A 167 20.88 -11.31 2.66
CA ILE A 167 20.39 -11.73 1.39
C ILE A 167 21.50 -12.11 0.39
N GLY A 168 22.62 -11.41 0.58
CA GLY A 168 23.71 -11.40 -0.42
C GLY A 168 23.41 -10.41 -1.52
N PRO A 169 24.24 -10.42 -2.54
CA PRO A 169 24.16 -9.34 -3.55
C PRO A 169 22.88 -9.33 -4.38
N GLU A 170 22.10 -10.42 -4.40
CA GLU A 170 20.93 -10.36 -5.19
C GLU A 170 19.88 -9.36 -4.71
N TYR A 171 20.01 -8.84 -3.47
CA TYR A 171 19.07 -7.79 -3.08
C TYR A 171 19.01 -6.62 -4.07
N ILE A 172 20.17 -6.24 -4.66
CA ILE A 172 20.18 -5.03 -5.51
C ILE A 172 19.36 -5.34 -6.85
N GLU A 173 19.64 -6.43 -7.55
CA GLU A 173 18.92 -6.70 -8.80
C GLU A 173 17.45 -6.90 -8.44
N LYS A 174 17.14 -7.55 -7.31
CA LYS A 174 15.68 -7.77 -7.01
C LYS A 174 15.03 -6.40 -6.75
N ALA A 175 15.68 -5.51 -5.98
CA ALA A 175 15.05 -4.18 -5.74
C ALA A 175 14.70 -3.47 -7.05
N PHE A 176 15.62 -3.47 -8.03
CA PHE A 176 15.29 -2.79 -9.26
C PHE A 176 14.18 -3.52 -10.02
N ARG A 177 14.22 -4.88 -10.06
CA ARG A 177 13.16 -5.59 -10.77
C ARG A 177 11.78 -5.34 -10.12
N TRP A 178 11.72 -5.38 -8.78
CA TRP A 178 10.44 -5.12 -8.10
C TRP A 178 9.92 -3.72 -8.26
N THR A 179 10.84 -2.73 -8.33
CA THR A 179 10.43 -1.34 -8.55
C THR A 179 9.91 -1.20 -9.94
N LYS A 180 10.55 -1.84 -10.94
CA LYS A 180 10.02 -1.64 -12.33
C LYS A 180 8.66 -2.27 -12.51
N GLU A 181 8.42 -3.39 -11.82
CA GLU A 181 7.08 -4.04 -11.88
C GLU A 181 6.01 -3.10 -11.30
N ALA A 182 6.32 -2.38 -10.20
CA ALA A 182 5.32 -1.57 -9.55
C ALA A 182 5.13 -0.22 -10.25
N ASP A 183 6.15 0.32 -10.94
CA ASP A 183 5.94 1.53 -11.75
C ASP A 183 6.83 1.47 -13.02
N PRO A 184 6.35 0.91 -14.16
CA PRO A 184 7.17 0.70 -15.37
C PRO A 184 7.62 2.04 -15.98
N ASP A 185 7.00 3.15 -15.59
CA ASP A 185 7.41 4.45 -16.14
C ASP A 185 8.44 5.24 -15.34
N ALA A 186 8.77 4.79 -14.12
CA ALA A 186 9.74 5.55 -13.37
C ALA A 186 11.12 5.24 -13.88
N ILE A 187 11.95 6.30 -13.81
CA ILE A 187 13.43 6.16 -14.10
C ILE A 187 14.10 5.66 -12.84
N LEU A 188 14.77 4.52 -12.94
CA LEU A 188 15.32 3.87 -11.72
C LEU A 188 16.84 4.07 -11.69
N ILE A 189 17.31 4.63 -10.59
CA ILE A 189 18.75 4.86 -10.46
C ILE A 189 19.37 4.26 -9.24
N TYR A 190 20.71 4.06 -9.36
CA TYR A 190 21.57 3.71 -8.23
C TYR A 190 22.27 5.01 -7.86
N ASN A 191 22.30 5.33 -6.58
CA ASN A 191 22.81 6.66 -6.14
C ASN A 191 23.92 6.41 -5.09
N ASP A 192 25.01 7.18 -5.20
CA ASP A 192 26.10 6.97 -4.24
C ASP A 192 27.01 8.23 -4.15
N TYR A 193 27.84 8.27 -3.12
CA TYR A 193 28.78 9.40 -2.92
C TYR A 193 30.24 8.89 -3.17
N SER A 194 31.04 9.91 -3.46
CA SER A 194 32.50 9.74 -3.71
C SER A 194 32.71 8.75 -4.81
N ILE A 195 31.82 8.81 -5.84
CA ILE A 195 32.03 8.03 -7.11
C ILE A 195 32.06 8.98 -8.29
N GLU A 196 32.27 10.29 -8.05
CA GLU A 196 32.26 11.26 -9.24
C GLU A 196 33.51 11.08 -10.15
N GLU A 197 34.62 10.72 -9.51
CA GLU A 197 35.91 10.49 -10.25
C GLU A 197 36.08 9.03 -10.52
N ILE A 198 36.99 8.71 -11.47
CA ILE A 198 37.42 7.32 -11.61
C ILE A 198 38.26 6.96 -10.37
N ASN A 199 37.86 5.98 -9.61
CA ASN A 199 38.59 5.53 -8.43
C ASN A 199 38.10 4.10 -8.05
N ALA A 200 38.58 3.52 -6.92
CA ALA A 200 38.28 2.13 -6.67
C ALA A 200 36.74 2.01 -6.44
N LYS A 201 36.14 3.01 -5.78
CA LYS A 201 34.69 2.92 -5.45
C LYS A 201 33.90 2.99 -6.80
N SER A 202 34.18 3.98 -7.62
CA SER A 202 33.39 4.10 -8.89
C SER A 202 33.68 2.94 -9.83
N ASN A 203 34.90 2.40 -9.78
CA ASN A 203 35.16 1.23 -10.62
C ASN A 203 34.29 0.00 -10.18
N PHE A 204 34.14 -0.13 -8.86
CA PHE A 204 33.28 -1.22 -8.33
C PHE A 204 31.81 -0.94 -8.76
N VAL A 205 31.35 0.34 -8.73
CA VAL A 205 29.97 0.63 -9.08
C VAL A 205 29.78 0.40 -10.58
N TYR A 206 30.75 0.83 -11.37
CA TYR A 206 30.71 0.67 -12.80
C TYR A 206 30.57 -0.82 -13.13
N ASN A 207 31.42 -1.69 -12.60
CA ASN A 207 31.30 -3.12 -12.97
C ASN A 207 29.98 -3.67 -12.45
N MET A 208 29.52 -3.19 -11.28
CA MET A 208 28.26 -3.67 -10.71
C MET A 208 27.14 -3.39 -11.65
N ILE A 209 27.06 -2.15 -12.11
CA ILE A 209 25.98 -1.77 -13.01
C ILE A 209 26.10 -2.40 -14.39
N LYS A 210 27.31 -2.49 -14.90
CA LYS A 210 27.54 -3.14 -16.20
C LYS A 210 26.97 -4.58 -16.10
N GLU A 211 27.23 -5.28 -15.02
CA GLU A 211 26.78 -6.66 -14.86
C GLU A 211 25.25 -6.76 -14.69
N LEU A 212 24.69 -5.80 -13.94
CA LEU A 212 23.21 -5.78 -13.81
C LEU A 212 22.59 -5.57 -15.16
N LYS A 213 23.04 -4.60 -15.93
CA LYS A 213 22.36 -4.35 -17.22
C LYS A 213 22.60 -5.51 -18.22
N GLU A 214 23.72 -6.24 -18.14
CA GLU A 214 23.94 -7.41 -19.03
C GLU A 214 22.84 -8.43 -18.73
N LYS A 215 22.40 -8.53 -17.42
CA LYS A 215 21.38 -9.46 -17.02
C LYS A 215 19.94 -8.95 -17.26
N GLY A 216 19.83 -7.78 -17.88
CA GLY A 216 18.54 -7.12 -18.19
C GLY A 216 17.87 -6.48 -16.98
N VAL A 217 18.64 -6.20 -15.93
CA VAL A 217 18.07 -5.54 -14.78
C VAL A 217 17.84 -4.08 -15.18
N PRO A 218 16.69 -3.52 -14.79
CA PRO A 218 16.35 -2.18 -15.31
C PRO A 218 16.96 -0.95 -14.51
N VAL A 219 18.28 -0.87 -14.51
CA VAL A 219 18.99 0.26 -13.96
C VAL A 219 19.04 1.31 -15.05
N ASP A 220 18.22 2.32 -14.97
CA ASP A 220 18.11 3.31 -16.01
C ASP A 220 19.13 4.43 -15.88
N GLY A 221 19.67 4.65 -14.67
CA GLY A 221 20.55 5.77 -14.51
C GLY A 221 21.38 5.59 -13.22
N ILE A 222 22.31 6.55 -13.15
CA ILE A 222 23.24 6.69 -11.99
C ILE A 222 23.15 8.08 -11.40
N GLY A 223 23.12 8.09 -10.08
CA GLY A 223 23.06 9.34 -9.30
C GLY A 223 24.45 9.50 -8.69
N PHE A 224 25.01 10.66 -8.95
CA PHE A 224 26.30 11.06 -8.32
C PHE A 224 25.90 12.13 -7.23
N GLN A 225 26.11 11.81 -5.97
CA GLN A 225 25.59 12.70 -4.95
C GLN A 225 26.27 14.11 -4.98
N MET A 226 27.59 14.13 -5.23
CA MET A 226 28.29 15.40 -5.36
C MET A 226 28.35 16.17 -4.02
N HIS A 227 28.62 15.42 -2.93
CA HIS A 227 28.94 16.07 -1.68
C HIS A 227 30.41 16.35 -1.69
N ILE A 228 30.78 17.53 -2.14
CA ILE A 228 32.21 17.86 -2.34
C ILE A 228 32.57 19.08 -1.48
N ASP A 229 33.87 19.44 -1.55
CA ASP A 229 34.34 20.53 -0.70
C ASP A 229 35.07 21.56 -1.52
N TYR A 230 35.70 22.52 -0.85
CA TYR A 230 36.39 23.63 -1.52
C TYR A 230 37.64 23.20 -2.32
N ARG A 231 38.07 21.95 -2.14
CA ARG A 231 39.17 21.38 -2.95
C ARG A 231 38.61 20.99 -4.34
N GLY A 232 37.30 21.05 -4.59
CA GLY A 232 36.83 20.64 -5.92
C GLY A 232 37.02 19.14 -6.25
N LEU A 233 37.06 18.83 -7.56
CA LEU A 233 37.27 17.43 -8.03
C LEU A 233 38.46 17.50 -8.99
N ASN A 234 38.97 16.32 -9.33
CA ASN A 234 39.79 16.16 -10.52
C ASN A 234 38.82 16.19 -11.71
N TYR A 235 38.79 17.33 -12.38
CA TYR A 235 37.77 17.57 -13.36
C TYR A 235 37.92 16.62 -14.56
N ASP A 236 39.15 16.32 -14.98
CA ASP A 236 39.37 15.43 -16.10
C ASP A 236 38.82 14.03 -15.75
N SER A 237 39.04 13.63 -14.49
CA SER A 237 38.60 12.27 -14.09
C SER A 237 37.04 12.28 -14.06
N PHE A 238 36.43 13.33 -13.55
CA PHE A 238 34.93 13.37 -13.54
C PHE A 238 34.42 13.34 -14.96
N ARG A 239 34.99 14.11 -15.86
CA ARG A 239 34.56 14.09 -17.28
C ARG A 239 34.65 12.69 -17.88
N ARG A 240 35.75 11.98 -17.67
CA ARG A 240 35.91 10.61 -18.13
C ARG A 240 34.97 9.63 -17.47
N ASN A 241 34.72 9.84 -16.20
CA ASN A 241 33.82 8.91 -15.49
C ASN A 241 32.35 9.15 -15.99
N LEU A 242 31.95 10.41 -16.22
CA LEU A 242 30.63 10.61 -16.75
C LEU A 242 30.49 9.93 -18.12
N GLU A 243 31.54 10.02 -18.96
CA GLU A 243 31.52 9.36 -20.30
C GLU A 243 31.40 7.82 -20.17
N ARG A 244 32.13 7.15 -19.26
CA ARG A 244 32.01 5.69 -19.17
C ARG A 244 30.67 5.25 -18.71
N PHE A 245 30.10 6.00 -17.74
CA PHE A 245 28.74 5.60 -17.32
C PHE A 245 27.71 5.86 -18.40
N ALA A 246 27.81 7.01 -19.06
CA ALA A 246 26.80 7.28 -20.12
C ALA A 246 26.89 6.21 -21.19
N LYS A 247 28.09 5.69 -21.43
CA LYS A 247 28.23 4.72 -22.57
C LYS A 247 27.67 3.34 -22.14
N LEU A 248 27.39 3.12 -20.84
CA LEU A 248 26.60 1.90 -20.46
C LEU A 248 25.10 2.07 -20.80
N GLY A 249 24.69 3.20 -21.38
CA GLY A 249 23.27 3.41 -21.66
C GLY A 249 22.56 4.02 -20.45
N LEU A 250 23.28 4.67 -19.55
CA LEU A 250 22.65 5.30 -18.38
C LEU A 250 22.34 6.78 -18.54
N GLN A 251 21.23 7.17 -17.92
CA GLN A 251 20.97 8.63 -17.70
C GLN A 251 21.72 9.00 -16.43
N ILE A 252 22.13 10.25 -16.31
CA ILE A 252 23.00 10.68 -15.19
C ILE A 252 22.28 11.76 -14.45
N TYR A 253 22.29 11.69 -13.13
CA TYR A 253 21.64 12.67 -12.28
C TYR A 253 22.71 13.12 -11.28
N ILE A 254 22.87 14.42 -11.08
CA ILE A 254 23.69 14.90 -9.96
C ILE A 254 22.65 15.21 -8.87
N THR A 255 22.68 14.38 -7.81
CA THR A 255 21.50 14.28 -6.95
C THR A 255 21.56 15.02 -5.64
N GLU A 256 22.72 15.32 -5.03
CA GLU A 256 22.74 15.91 -3.68
C GLU A 256 23.85 16.92 -3.51
N MET A 257 24.01 17.76 -4.52
CA MET A 257 25.20 18.65 -4.54
C MET A 257 25.25 19.58 -3.35
N ASP A 258 26.46 19.71 -2.79
CA ASP A 258 26.75 20.78 -1.84
C ASP A 258 28.28 20.92 -1.87
N VAL A 259 28.76 22.13 -1.62
CA VAL A 259 30.20 22.41 -1.73
C VAL A 259 30.63 23.06 -0.40
N ARG A 260 30.97 22.20 0.49
CA ARG A 260 31.22 22.64 1.91
C ARG A 260 32.56 23.39 2.02
N ILE A 261 32.56 24.42 2.92
CA ILE A 261 33.74 25.32 3.12
C ILE A 261 33.95 25.34 4.62
N PRO A 262 35.22 25.58 5.03
CA PRO A 262 35.51 25.65 6.46
C PRO A 262 34.84 26.82 7.01
N LEU A 263 34.38 26.71 8.25
CA LEU A 263 33.70 27.84 8.92
C LEU A 263 34.63 28.88 9.51
N SER A 264 35.88 28.47 9.72
CA SER A 264 36.87 29.39 10.23
C SER A 264 37.51 30.09 9.02
N GLY A 265 37.45 31.43 9.06
CA GLY A 265 38.33 32.28 8.31
C GLY A 265 38.04 32.40 6.84
N SER A 266 38.56 33.49 6.29
CA SER A 266 38.50 33.90 4.88
C SER A 266 37.29 33.45 4.14
N GLU A 267 36.14 33.86 4.64
CA GLU A 267 34.92 33.54 3.98
C GLU A 267 34.85 33.96 2.51
N ASP A 268 35.30 35.17 2.19
CA ASP A 268 35.23 35.67 0.78
C ASP A 268 36.07 34.77 -0.12
N TYR A 269 37.24 34.36 0.36
CA TYR A 269 38.08 33.48 -0.41
C TYR A 269 37.32 32.15 -0.68
N TYR A 270 36.69 31.60 0.38
CA TYR A 270 36.10 30.24 0.17
C TYR A 270 34.80 30.38 -0.67
N LEU A 271 34.11 31.51 -0.57
CA LEU A 271 32.84 31.68 -1.38
C LEU A 271 33.22 31.81 -2.83
N LYS A 272 34.37 32.45 -3.11
CA LYS A 272 34.86 32.51 -4.51
C LYS A 272 35.31 31.14 -5.06
N LYS A 273 36.00 30.35 -4.25
CA LYS A 273 36.35 28.98 -4.68
C LYS A 273 35.07 28.15 -4.86
N GLN A 274 34.10 28.31 -3.96
CA GLN A 274 32.81 27.54 -4.12
C GLN A 274 32.18 27.92 -5.47
N ALA A 275 32.15 29.21 -5.79
CA ALA A 275 31.55 29.64 -7.10
C ALA A 275 32.29 29.04 -8.27
N GLU A 276 33.64 29.02 -8.24
CA GLU A 276 34.44 28.46 -9.35
C GLU A 276 34.14 26.96 -9.48
N ILE A 277 34.03 26.26 -8.37
CA ILE A 277 33.76 24.83 -8.41
C ILE A 277 32.35 24.59 -9.00
N CYS A 278 31.35 25.35 -8.52
CA CYS A 278 29.98 25.07 -9.03
C CYS A 278 29.97 25.35 -10.54
N ALA A 279 30.59 26.47 -10.96
CA ALA A 279 30.68 26.83 -12.40
C ALA A 279 31.29 25.69 -13.20
N LYS A 280 32.40 25.11 -12.73
CA LYS A 280 33.07 24.08 -13.48
C LYS A 280 32.22 22.79 -13.57
N ILE A 281 31.62 22.41 -12.44
CA ILE A 281 30.74 21.19 -12.42
C ILE A 281 29.60 21.40 -13.45
N PHE A 282 28.96 22.58 -13.44
CA PHE A 282 27.91 22.82 -14.40
C PHE A 282 28.46 22.76 -15.82
N ASP A 283 29.61 23.39 -16.07
CA ASP A 283 30.19 23.31 -17.45
C ASP A 283 30.32 21.86 -17.92
N ILE A 284 30.89 20.98 -17.10
CA ILE A 284 31.15 19.63 -17.53
C ILE A 284 29.80 18.90 -17.73
N CYS A 285 28.85 19.14 -16.79
CA CYS A 285 27.55 18.41 -16.89
C CYS A 285 26.81 18.83 -18.12
N LEU A 286 26.84 20.12 -18.46
CA LEU A 286 26.05 20.63 -19.59
C LEU A 286 26.69 20.22 -20.90
N ASP A 287 27.92 19.79 -20.86
CA ASP A 287 28.61 19.29 -22.05
C ASP A 287 28.30 17.82 -22.29
N ASN A 288 27.66 17.14 -21.34
CA ASN A 288 27.31 15.74 -21.57
C ASN A 288 25.79 15.55 -21.58
N PRO A 289 25.17 15.19 -22.72
CA PRO A 289 23.72 15.16 -22.77
C PRO A 289 23.09 14.02 -21.96
N ALA A 290 23.87 13.09 -21.45
CA ALA A 290 23.30 12.08 -20.54
C ALA A 290 22.91 12.65 -19.22
N VAL A 291 23.48 13.83 -18.88
CA VAL A 291 23.17 14.44 -17.49
C VAL A 291 21.78 15.09 -17.66
N LYS A 292 20.79 14.57 -16.91
CA LYS A 292 19.38 15.02 -17.05
C LYS A 292 18.95 16.05 -16.00
N ALA A 293 19.63 16.10 -14.84
CA ALA A 293 19.24 16.95 -13.76
C ALA A 293 20.37 17.16 -12.83
N ILE A 294 20.42 18.35 -12.22
CA ILE A 294 21.39 18.71 -11.20
C ILE A 294 20.54 19.22 -10.01
N GLN A 295 20.66 18.53 -8.86
CA GLN A 295 20.01 19.03 -7.63
C GLN A 295 21.02 19.24 -6.57
N PHE A 296 20.75 20.22 -5.75
CA PHE A 296 21.52 20.51 -4.54
C PHE A 296 20.83 19.94 -3.31
N TRP A 297 21.60 19.60 -2.28
CA TRP A 297 21.02 18.95 -1.14
C TRP A 297 20.51 20.00 -0.14
N GLY A 298 19.44 20.64 -0.64
CA GLY A 298 18.96 21.85 0.04
C GLY A 298 19.21 23.02 -0.90
N PHE A 299 18.91 24.22 -0.40
CA PHE A 299 19.28 25.42 -1.18
C PHE A 299 19.71 26.61 -0.33
N THR A 300 19.29 26.68 0.96
CA THR A 300 19.73 27.79 1.81
C THR A 300 20.61 27.22 2.91
N ASP A 301 21.68 27.90 3.19
CA ASP A 301 22.56 27.50 4.31
C ASP A 301 21.86 27.42 5.66
N LYS A 302 20.70 28.01 5.78
CA LYS A 302 19.93 27.95 7.01
C LYS A 302 19.48 26.49 7.30
N TYR A 303 19.39 25.70 6.21
CA TYR A 303 18.76 24.33 6.34
C TYR A 303 19.63 23.39 5.49
N SER A 304 20.69 22.93 6.13
CA SER A 304 21.59 21.98 5.43
C SER A 304 22.09 20.91 6.39
N TRP A 305 22.28 19.73 5.86
CA TRP A 305 22.83 18.63 6.70
C TRP A 305 24.35 18.79 6.97
N VAL A 306 25.01 19.68 6.24
CA VAL A 306 26.47 19.72 6.26
C VAL A 306 27.05 20.06 7.65
N PRO A 307 26.54 21.09 8.34
CA PRO A 307 27.24 21.46 9.60
C PRO A 307 27.10 20.35 10.66
N GLY A 308 25.99 19.62 10.71
CA GLY A 308 25.91 18.50 11.68
C GLY A 308 26.72 17.31 11.27
N PHE A 309 26.93 17.07 9.98
CA PHE A 309 27.56 15.84 9.56
C PHE A 309 29.10 15.99 9.37
N PHE A 310 29.55 17.13 8.85
CA PHE A 310 30.92 17.40 8.57
C PHE A 310 31.39 18.48 9.55
N LYS A 311 31.93 18.03 10.68
CA LYS A 311 32.22 19.05 11.71
C LYS A 311 33.28 20.06 11.25
N GLY A 312 32.97 21.33 11.45
CA GLY A 312 33.91 22.40 11.12
C GLY A 312 33.62 23.03 9.75
N TYR A 313 32.62 22.43 9.07
CA TYR A 313 32.30 22.87 7.69
C TYR A 313 30.86 23.31 7.60
N GLY A 314 30.54 24.08 6.55
CA GLY A 314 29.17 24.48 6.33
C GLY A 314 29.11 25.40 5.12
N LYS A 315 28.13 26.34 5.17
CA LYS A 315 27.89 27.34 4.15
C LYS A 315 28.00 26.72 2.72
N ALA A 316 27.34 25.59 2.54
CA ALA A 316 27.65 24.75 1.38
C ALA A 316 26.64 24.90 0.21
N LEU A 317 25.66 25.83 0.34
CA LEU A 317 24.57 25.90 -0.63
C LEU A 317 24.49 27.22 -1.40
N LEU A 318 23.39 27.40 -2.14
CA LEU A 318 23.27 28.51 -3.12
C LEU A 318 22.85 29.85 -2.54
N PHE A 319 22.13 29.81 -1.41
CA PHE A 319 21.57 30.99 -0.75
C PHE A 319 22.08 31.00 0.69
N ASP A 320 22.31 32.21 1.23
CA ASP A 320 22.77 32.31 2.61
C ASP A 320 21.59 32.15 3.60
N GLU A 321 21.86 32.33 4.89
CA GLU A 321 20.78 32.15 5.93
C GLU A 321 19.61 33.11 5.81
N ASN A 322 19.79 34.23 5.10
CA ASN A 322 18.72 35.19 4.90
C ASN A 322 18.10 35.07 3.51
N TYR A 323 18.36 33.94 2.82
CA TYR A 323 17.86 33.71 1.47
C TYR A 323 18.43 34.63 0.40
N ASN A 324 19.62 35.19 0.68
CA ASN A 324 20.19 36.05 -0.35
C ASN A 324 21.15 35.20 -1.17
N PRO A 325 21.13 35.35 -2.51
CA PRO A 325 21.99 34.47 -3.34
C PRO A 325 23.46 34.72 -3.02
N LYS A 326 24.21 33.64 -3.05
CA LYS A 326 25.68 33.65 -2.88
C LYS A 326 26.41 33.69 -4.23
N PRO A 327 27.75 33.96 -4.19
CA PRO A 327 28.44 34.03 -5.44
C PRO A 327 28.25 32.79 -6.30
N CYS A 328 28.15 31.61 -5.70
CA CYS A 328 27.94 30.42 -6.56
C CYS A 328 26.61 30.44 -7.36
N TYR A 329 25.55 31.04 -6.77
CA TYR A 329 24.30 31.13 -7.49
C TYR A 329 24.49 31.92 -8.81
N TYR A 330 25.20 33.08 -8.70
CA TYR A 330 25.41 33.92 -9.91
C TYR A 330 26.32 33.23 -10.86
N ALA A 331 27.29 32.49 -10.34
CA ALA A 331 28.19 31.78 -11.20
C ALA A 331 27.52 30.69 -12.05
N ILE A 332 26.64 29.93 -11.43
CA ILE A 332 25.92 28.86 -12.16
C ILE A 332 24.91 29.51 -13.18
N LYS A 333 24.20 30.56 -12.76
CA LYS A 333 23.31 31.31 -13.64
C LYS A 333 24.06 31.81 -14.85
N GLU A 334 25.26 32.32 -14.64
CA GLU A 334 26.03 32.83 -15.81
C GLU A 334 26.39 31.69 -16.81
N VAL A 335 26.82 30.56 -16.25
CA VAL A 335 27.10 29.39 -17.07
C VAL A 335 25.90 28.90 -17.86
N LEU A 336 24.73 28.87 -17.21
CA LEU A 336 23.50 28.42 -17.87
C LEU A 336 23.15 29.40 -18.99
N GLU A 337 23.21 30.71 -18.68
CA GLU A 337 22.84 31.72 -19.69
C GLU A 337 23.82 31.62 -20.87
N LYS A 338 25.10 31.40 -20.62
CA LYS A 338 26.06 31.35 -21.78
C LYS A 338 25.82 30.08 -22.63
N LYS A 339 25.41 28.99 -21.99
CA LYS A 339 25.20 27.73 -22.68
C LYS A 339 24.01 27.89 -23.66
N ILE A 340 22.99 28.62 -23.26
CA ILE A 340 21.79 28.89 -24.07
C ILE A 340 22.11 29.85 -25.23
N GLU A 341 22.94 30.86 -24.95
CA GLU A 341 23.26 31.91 -25.94
C GLU A 341 24.48 31.41 -26.71
N MET B 17 -9.57 -38.44 13.94
CA MET B 17 -10.54 -39.54 13.97
C MET B 17 -11.38 -39.78 15.24
N GLN B 18 -10.90 -39.57 16.49
CA GLN B 18 -11.86 -39.56 17.63
C GLN B 18 -12.83 -38.35 17.56
N ASN B 19 -12.32 -37.22 17.10
CA ASN B 19 -13.17 -36.05 16.95
C ASN B 19 -13.70 -36.08 15.51
N VAL B 20 -14.96 -35.71 15.33
CA VAL B 20 -15.48 -35.53 13.99
C VAL B 20 -15.90 -34.06 14.01
N SER B 21 -15.10 -33.17 13.42
CA SER B 21 -15.41 -31.73 13.46
C SER B 21 -16.12 -31.29 12.18
N LEU B 22 -16.71 -30.10 12.28
CA LEU B 22 -17.36 -29.50 11.10
C LEU B 22 -16.35 -29.40 9.96
N ARG B 23 -15.11 -28.91 10.25
CA ARG B 23 -14.19 -28.67 9.12
C ARG B 23 -13.79 -30.00 8.45
N GLU B 24 -13.67 -31.07 9.26
CA GLU B 24 -13.34 -32.41 8.65
C GLU B 24 -14.46 -32.91 7.71
N LEU B 25 -15.71 -32.70 8.11
CA LEU B 25 -16.86 -33.04 7.23
C LEU B 25 -16.95 -32.14 6.01
N ALA B 26 -16.63 -30.85 6.20
CA ALA B 26 -16.63 -29.88 5.07
C ALA B 26 -15.55 -30.30 4.07
N GLU B 27 -14.38 -30.69 4.57
CA GLU B 27 -13.26 -31.10 3.65
C GLU B 27 -13.70 -32.31 2.85
N LYS B 28 -14.43 -33.27 3.45
CA LYS B 28 -14.90 -34.46 2.68
C LYS B 28 -15.89 -34.13 1.61
N LEU B 29 -16.64 -33.00 1.82
CA LEU B 29 -17.64 -32.49 0.86
C LEU B 29 -17.10 -31.40 -0.05
N ASN B 30 -15.81 -31.07 0.07
CA ASN B 30 -15.17 -30.03 -0.77
C ASN B 30 -15.85 -28.63 -0.65
N ILE B 31 -16.24 -28.32 0.61
CA ILE B 31 -16.85 -27.00 0.86
C ILE B 31 -16.03 -26.45 2.07
N TYR B 32 -16.27 -25.18 2.37
CA TYR B 32 -15.67 -24.63 3.55
C TYR B 32 -16.76 -24.32 4.57
N ILE B 33 -16.47 -24.44 5.85
CA ILE B 33 -17.43 -24.06 6.95
C ILE B 33 -16.68 -23.23 7.93
N GLY B 34 -17.20 -22.04 8.20
CA GLY B 34 -16.39 -21.15 9.02
C GLY B 34 -17.17 -20.11 9.75
N PHE B 35 -16.46 -18.99 10.03
CA PHE B 35 -16.93 -18.07 11.06
C PHE B 35 -16.36 -16.69 10.78
N ALA B 36 -16.91 -15.75 11.54
CA ALA B 36 -16.38 -14.40 11.56
C ALA B 36 -15.69 -14.20 12.90
N ALA B 37 -14.45 -13.65 12.81
CA ALA B 37 -13.59 -13.56 13.98
C ALA B 37 -13.67 -12.13 14.57
N ILE B 38 -13.99 -12.08 15.87
CA ILE B 38 -14.22 -10.79 16.57
C ILE B 38 -12.92 -9.95 16.60
N ASN B 39 -13.09 -8.61 16.63
CA ASN B 39 -11.86 -7.80 16.79
C ASN B 39 -11.01 -8.28 17.94
N ASN B 40 -9.69 -8.28 17.68
CA ASN B 40 -8.69 -8.56 18.76
C ASN B 40 -9.03 -9.89 19.47
N PHE B 41 -9.36 -10.93 18.69
CA PHE B 41 -9.71 -12.17 19.36
C PHE B 41 -8.52 -12.74 20.18
N TRP B 42 -7.33 -12.35 19.77
CA TRP B 42 -6.12 -12.88 20.41
C TRP B 42 -5.91 -12.28 21.78
N SER B 43 -6.65 -11.22 22.13
CA SER B 43 -6.54 -10.62 23.45
C SER B 43 -7.80 -10.68 24.31
N LEU B 44 -8.81 -11.46 23.89
CA LEU B 44 -10.02 -11.65 24.72
C LEU B 44 -9.55 -12.28 26.06
N SER B 45 -10.36 -12.05 27.09
CA SER B 45 -10.09 -12.74 28.41
C SER B 45 -9.97 -14.25 28.19
N ASP B 46 -10.83 -14.82 27.31
CA ASP B 46 -10.86 -16.25 27.02
C ASP B 46 -10.33 -16.56 25.65
N GLU B 47 -9.33 -15.80 25.25
CA GLU B 47 -8.71 -16.05 23.95
C GLU B 47 -8.32 -17.48 23.71
N GLU B 48 -7.76 -18.13 24.77
CA GLU B 48 -7.29 -19.50 24.54
C GLU B 48 -8.45 -20.42 24.10
N LYS B 49 -9.58 -20.31 24.79
CA LYS B 49 -10.74 -21.17 24.52
C LYS B 49 -11.33 -20.80 23.10
N TYR B 50 -11.45 -19.49 22.87
CA TYR B 50 -12.03 -19.04 21.61
C TYR B 50 -11.23 -19.57 20.44
N MET B 51 -9.92 -19.38 20.50
CA MET B 51 -9.07 -19.87 19.43
C MET B 51 -9.07 -21.35 19.28
N GLU B 52 -9.15 -22.04 20.40
CA GLU B 52 -9.18 -23.47 20.26
C GLU B 52 -10.45 -24.03 19.68
N VAL B 53 -11.59 -23.46 20.04
CA VAL B 53 -12.82 -23.95 19.39
C VAL B 53 -12.77 -23.61 17.91
N ALA B 54 -12.31 -22.38 17.59
CA ALA B 54 -12.26 -21.97 16.20
C ALA B 54 -11.40 -22.93 15.35
N ARG B 55 -10.13 -23.14 15.81
CA ARG B 55 -9.26 -23.96 14.99
C ARG B 55 -9.70 -25.45 14.92
N ARG B 56 -10.42 -25.94 15.93
CA ARG B 56 -10.95 -27.27 15.88
C ARG B 56 -12.09 -27.46 14.85
N GLU B 57 -12.91 -26.41 14.75
CA GLU B 57 -14.16 -26.56 13.98
C GLU B 57 -14.19 -26.04 12.59
N PHE B 58 -13.35 -25.04 12.28
CA PHE B 58 -13.57 -24.26 11.05
C PHE B 58 -12.43 -24.18 10.07
N ASN B 59 -12.74 -24.03 8.81
CA ASN B 59 -11.68 -23.88 7.82
C ASN B 59 -11.76 -22.68 6.87
N ILE B 60 -12.50 -21.66 7.31
CA ILE B 60 -12.57 -20.35 6.63
C ILE B 60 -12.89 -19.31 7.71
N LEU B 61 -12.20 -18.16 7.57
CA LEU B 61 -12.33 -17.09 8.56
C LEU B 61 -12.58 -15.80 7.85
N THR B 62 -13.50 -14.99 8.35
CA THR B 62 -13.73 -13.60 7.86
C THR B 62 -13.46 -12.73 9.05
N PRO B 63 -12.59 -11.69 8.94
CA PRO B 63 -12.46 -10.71 10.06
C PRO B 63 -13.79 -9.93 10.12
N GLU B 64 -14.40 -9.94 11.32
CA GLU B 64 -15.72 -9.27 11.48
C GLU B 64 -15.62 -7.79 11.12
N ASN B 65 -14.56 -7.12 11.54
CA ASN B 65 -14.44 -5.66 11.30
C ASN B 65 -13.08 -5.18 10.93
N GLN B 66 -12.01 -5.96 11.18
CA GLN B 66 -10.69 -5.34 11.11
C GLN B 66 -10.02 -5.28 9.75
N MET B 67 -10.75 -5.62 8.68
CA MET B 67 -10.35 -5.27 7.32
C MET B 67 -11.26 -4.13 6.77
N LYS B 68 -12.15 -3.61 7.60
CA LYS B 68 -12.99 -2.46 7.08
C LYS B 68 -12.24 -1.19 7.05
N TRP B 69 -12.82 -0.21 6.30
CA TRP B 69 -12.10 1.05 6.13
C TRP B 69 -11.62 1.71 7.42
N ASP B 70 -12.49 1.83 8.46
CA ASP B 70 -12.12 2.62 9.69
C ASP B 70 -10.89 2.05 10.33
N THR B 71 -10.65 0.74 10.20
CA THR B 71 -9.51 0.17 10.84
C THR B 71 -8.32 0.22 9.88
N ILE B 72 -8.57 -0.21 8.64
CA ILE B 72 -7.37 -0.43 7.77
C ILE B 72 -6.84 0.85 7.15
N HIS B 73 -7.72 1.85 7.04
CA HIS B 73 -7.40 3.10 6.30
C HIS B 73 -7.86 4.30 7.09
N PRO B 74 -7.31 4.51 8.28
CA PRO B 74 -7.93 5.46 9.21
C PRO B 74 -7.73 6.94 8.85
N GLU B 75 -6.74 7.28 8.07
CA GLU B 75 -6.54 8.64 7.55
C GLU B 75 -6.28 8.53 6.09
N ARG B 76 -6.40 9.59 5.33
CA ARG B 76 -6.37 9.48 3.89
C ARG B 76 -5.08 8.78 3.34
N ASP B 77 -3.94 9.15 3.95
CA ASP B 77 -2.65 8.64 3.50
C ASP B 77 -2.03 7.71 4.53
N ARG B 78 -2.82 7.14 5.43
CA ARG B 78 -2.23 6.24 6.44
C ARG B 78 -2.98 4.89 6.36
N TYR B 79 -2.25 3.74 6.30
CA TYR B 79 -2.90 2.41 6.29
C TYR B 79 -2.35 1.66 7.53
N ASN B 80 -3.23 0.89 8.18
CA ASN B 80 -2.84 0.11 9.35
C ASN B 80 -3.31 -1.30 9.01
N PHE B 81 -2.37 -2.19 8.66
CA PHE B 81 -2.71 -3.58 8.36
C PHE B 81 -2.52 -4.50 9.59
N THR B 82 -2.12 -3.90 10.72
CA THR B 82 -1.64 -4.71 11.84
C THR B 82 -2.71 -5.70 12.35
N PRO B 83 -3.93 -5.19 12.65
CA PRO B 83 -4.85 -6.22 13.15
C PRO B 83 -5.31 -7.18 12.08
N ALA B 84 -5.54 -6.74 10.83
CA ALA B 84 -5.87 -7.69 9.81
C ALA B 84 -4.81 -8.77 9.59
N GLU B 85 -3.53 -8.38 9.74
CA GLU B 85 -2.46 -9.39 9.56
C GLU B 85 -2.61 -10.45 10.68
N LYS B 86 -3.03 -10.09 11.89
CA LYS B 86 -3.26 -11.10 12.95
C LYS B 86 -4.33 -12.10 12.62
N HIS B 87 -5.40 -11.62 11.97
CA HIS B 87 -6.41 -12.56 11.48
C HIS B 87 -5.85 -13.49 10.44
N VAL B 88 -5.13 -12.93 9.46
CA VAL B 88 -4.56 -13.75 8.36
C VAL B 88 -3.55 -14.77 8.94
N GLU B 89 -2.70 -14.32 9.89
CA GLU B 89 -1.69 -15.24 10.51
C GLU B 89 -2.42 -16.38 11.16
N PHE B 90 -3.51 -16.11 11.91
CA PHE B 90 -4.19 -17.18 12.65
C PHE B 90 -4.76 -18.17 11.59
N ALA B 91 -5.39 -17.67 10.53
CA ALA B 91 -5.97 -18.53 9.54
C ALA B 91 -4.89 -19.37 8.91
N GLU B 92 -3.79 -18.72 8.52
CA GLU B 92 -2.70 -19.50 7.86
C GLU B 92 -2.09 -20.54 8.78
N GLU B 93 -1.99 -20.26 10.07
CA GLU B 93 -1.39 -21.23 10.94
C GLU B 93 -2.28 -22.42 11.18
N ASN B 94 -3.57 -22.24 11.01
CA ASN B 94 -4.55 -23.29 11.24
C ASN B 94 -5.23 -23.77 9.98
N ASN B 95 -4.54 -23.65 8.84
CA ASN B 95 -5.04 -24.15 7.57
C ASN B 95 -6.47 -23.69 7.22
N MET B 96 -6.77 -22.41 7.48
CA MET B 96 -8.06 -21.83 7.07
C MET B 96 -7.81 -20.88 5.94
N ILE B 97 -8.76 -20.85 5.01
CA ILE B 97 -8.71 -19.74 4.05
C ILE B 97 -9.35 -18.47 4.61
N VAL B 98 -8.99 -17.37 3.96
CA VAL B 98 -9.43 -16.02 4.46
C VAL B 98 -10.36 -15.39 3.51
N HIS B 99 -11.53 -14.97 4.05
CA HIS B 99 -12.51 -14.23 3.29
C HIS B 99 -12.47 -12.79 3.74
N GLY B 100 -12.05 -11.89 2.82
CA GLY B 100 -11.87 -10.49 3.19
C GLY B 100 -13.23 -9.76 3.14
N HIS B 101 -13.40 -8.83 4.05
CA HIS B 101 -14.66 -8.14 4.23
C HIS B 101 -14.34 -6.75 4.79
N THR B 102 -14.75 -5.62 4.17
CA THR B 102 -15.39 -5.48 2.84
C THR B 102 -14.73 -4.22 2.24
N LEU B 103 -14.59 -4.24 0.90
CA LEU B 103 -13.85 -3.14 0.30
C LEU B 103 -14.74 -1.90 0.11
N VAL B 104 -16.03 -2.06 -0.22
CA VAL B 104 -16.93 -0.90 -0.49
C VAL B 104 -18.22 -1.09 0.29
N TRP B 105 -18.51 -0.17 1.21
CA TRP B 105 -19.71 -0.35 2.05
C TRP B 105 -20.08 1.08 2.46
N HIS B 106 -21.35 1.27 2.90
CA HIS B 106 -21.81 2.65 3.22
C HIS B 106 -21.66 3.04 4.66
N ASN B 107 -21.46 2.07 5.50
CA ASN B 107 -21.36 2.35 6.94
C ASN B 107 -19.96 2.30 7.43
N GLN B 108 -19.80 2.84 8.63
CA GLN B 108 -18.52 2.85 9.34
C GLN B 108 -17.40 3.45 8.42
N LEU B 109 -17.69 4.53 7.78
CA LEU B 109 -16.62 5.08 7.00
C LEU B 109 -15.95 6.06 7.95
N PRO B 110 -14.62 6.29 7.73
CA PRO B 110 -13.91 7.25 8.55
C PRO B 110 -14.27 8.73 8.28
N GLY B 111 -13.93 9.55 9.27
CA GLY B 111 -14.22 10.95 9.17
C GLY B 111 -13.64 11.68 7.99
N TRP B 112 -12.46 11.24 7.53
CA TRP B 112 -11.90 11.85 6.37
C TRP B 112 -12.69 11.64 5.10
N ILE B 113 -13.55 10.63 5.08
CA ILE B 113 -14.50 10.47 3.96
C ILE B 113 -15.82 11.22 4.31
N THR B 114 -16.37 11.02 5.51
CA THR B 114 -17.76 11.51 5.72
C THR B 114 -17.79 13.00 5.99
N GLY B 115 -16.66 13.55 6.41
CA GLY B 115 -16.55 14.94 6.87
C GLY B 115 -16.38 15.99 5.82
N ARG B 116 -16.32 15.60 4.56
CA ARG B 116 -16.16 16.61 3.50
C ARG B 116 -16.98 16.26 2.28
N GLU B 117 -17.14 17.27 1.42
CA GLU B 117 -17.88 17.08 0.21
C GLU B 117 -16.93 16.62 -0.89
N TRP B 118 -17.42 15.69 -1.71
CA TRP B 118 -16.60 15.03 -2.75
C TRP B 118 -17.17 15.33 -4.14
N THR B 119 -16.31 15.42 -5.14
CA THR B 119 -16.80 15.26 -6.50
C THR B 119 -16.53 13.87 -7.04
N LYS B 120 -17.19 13.53 -8.13
CA LYS B 120 -17.07 12.20 -8.75
C LYS B 120 -15.63 11.78 -9.06
N GLU B 121 -14.80 12.63 -9.68
CA GLU B 121 -13.45 12.26 -10.02
C GLU B 121 -12.61 12.00 -8.72
N GLU B 122 -12.77 12.86 -7.75
CA GLU B 122 -12.02 12.78 -6.48
C GLU B 122 -12.36 11.51 -5.75
N LEU B 123 -13.66 11.18 -5.64
CA LEU B 123 -14.08 10.00 -4.88
C LEU B 123 -13.72 8.72 -5.63
N LEU B 124 -13.81 8.68 -6.96
CA LEU B 124 -13.36 7.52 -7.75
C LEU B 124 -11.86 7.31 -7.44
N ASN B 125 -11.11 8.38 -7.43
CA ASN B 125 -9.66 8.17 -7.26
C ASN B 125 -9.36 7.64 -5.81
N VAL B 126 -10.09 8.15 -4.82
CA VAL B 126 -10.00 7.61 -3.45
C VAL B 126 -10.36 6.11 -3.40
N LEU B 127 -11.48 5.74 -4.03
CA LEU B 127 -11.90 4.34 -4.03
C LEU B 127 -10.87 3.41 -4.70
N GLU B 128 -10.31 3.86 -5.79
CA GLU B 128 -9.37 3.05 -6.55
C GLU B 128 -8.07 2.89 -5.68
N ASP B 129 -7.64 3.99 -5.04
CA ASP B 129 -6.42 3.87 -4.20
C ASP B 129 -6.63 2.92 -3.04
N HIS B 130 -7.81 2.99 -2.38
CA HIS B 130 -8.06 2.15 -1.25
C HIS B 130 -8.08 0.69 -1.69
N ILE B 131 -8.83 0.41 -2.78
CA ILE B 131 -8.97 -0.95 -3.21
C ILE B 131 -7.62 -1.50 -3.66
N LYS B 132 -6.88 -0.78 -4.46
CA LYS B 132 -5.57 -1.31 -4.93
C LYS B 132 -4.58 -1.52 -3.80
N THR B 133 -4.64 -0.63 -2.82
CA THR B 133 -3.62 -0.74 -1.72
C THR B 133 -3.99 -1.95 -0.88
N VAL B 134 -5.26 -2.12 -0.49
CA VAL B 134 -5.57 -3.21 0.42
C VAL B 134 -5.49 -4.55 -0.29
N VAL B 135 -6.04 -4.61 -1.51
CA VAL B 135 -6.08 -5.90 -2.23
C VAL B 135 -4.63 -6.31 -2.58
N SER B 136 -3.80 -5.36 -3.01
CA SER B 136 -2.42 -5.81 -3.31
C SER B 136 -1.69 -6.19 -2.05
N HIS B 137 -2.00 -5.58 -0.91
CA HIS B 137 -1.26 -5.88 0.32
C HIS B 137 -1.52 -7.37 0.68
N PHE B 138 -2.72 -7.89 0.41
CA PHE B 138 -3.03 -9.26 0.81
C PHE B 138 -3.08 -10.17 -0.44
N LYS B 139 -2.51 -9.74 -1.56
CA LYS B 139 -2.59 -10.54 -2.81
C LYS B 139 -2.15 -12.00 -2.57
N GLY B 140 -3.03 -12.91 -2.96
CA GLY B 140 -2.71 -14.34 -2.79
C GLY B 140 -2.99 -14.92 -1.42
N ARG B 141 -3.24 -14.09 -0.42
CA ARG B 141 -3.42 -14.58 0.93
C ARG B 141 -4.93 -14.48 1.33
N VAL B 142 -5.70 -13.66 0.62
CA VAL B 142 -7.15 -13.55 0.85
C VAL B 142 -7.73 -14.27 -0.40
N LYS B 143 -8.49 -15.36 -0.19
CA LYS B 143 -9.00 -16.06 -1.34
C LYS B 143 -10.31 -15.51 -1.91
N ILE B 144 -11.12 -14.85 -1.05
CA ILE B 144 -12.50 -14.41 -1.48
C ILE B 144 -12.56 -12.98 -0.96
N TRP B 145 -12.95 -12.04 -1.81
CA TRP B 145 -13.21 -10.68 -1.27
C TRP B 145 -14.71 -10.39 -1.40
N ASP B 146 -15.28 -9.82 -0.31
CA ASP B 146 -16.62 -9.10 -0.47
C ASP B 146 -16.27 -7.72 -1.04
N VAL B 147 -16.38 -7.59 -2.34
CA VAL B 147 -15.97 -6.34 -2.98
C VAL B 147 -16.96 -5.19 -2.74
N VAL B 148 -18.23 -5.48 -2.96
CA VAL B 148 -19.23 -4.43 -2.63
C VAL B 148 -20.29 -5.11 -1.73
N ASN B 149 -20.63 -4.42 -0.62
CA ASN B 149 -21.55 -4.97 0.38
C ASN B 149 -22.76 -4.06 0.42
N GLU B 150 -23.96 -4.65 0.29
CA GLU B 150 -25.21 -3.92 0.67
C GLU B 150 -25.40 -2.66 -0.17
N ALA B 151 -25.25 -2.78 -1.49
CA ALA B 151 -25.43 -1.61 -2.38
C ALA B 151 -26.87 -1.32 -2.78
N VAL B 152 -27.79 -2.24 -2.34
CA VAL B 152 -29.18 -2.21 -2.81
C VAL B 152 -30.06 -1.91 -1.58
N SER B 153 -30.96 -0.95 -1.75
CA SER B 153 -31.88 -0.54 -0.71
C SER B 153 -32.91 -1.60 -0.38
N ASP B 154 -33.62 -1.40 0.75
CA ASP B 154 -34.68 -2.37 1.00
C ASP B 154 -35.86 -2.42 0.03
N SER B 155 -36.10 -1.31 -0.71
CA SER B 155 -37.03 -1.27 -1.88
C SER B 155 -36.56 -1.90 -3.21
N GLY B 156 -35.32 -2.31 -3.32
CA GLY B 156 -34.89 -2.81 -4.61
C GLY B 156 -34.57 -1.66 -5.59
N THR B 157 -33.85 -0.67 -5.06
CA THR B 157 -33.25 0.43 -5.85
C THR B 157 -31.79 0.52 -5.37
N TYR B 158 -30.96 1.34 -6.00
CA TYR B 158 -29.62 1.50 -5.46
C TYR B 158 -29.67 2.25 -4.17
N ARG B 159 -28.86 1.82 -3.18
CA ARG B 159 -28.79 2.49 -1.92
C ARG B 159 -28.08 3.87 -2.14
N GLU B 160 -28.60 4.93 -1.53
CA GLU B 160 -28.11 6.28 -1.75
C GLU B 160 -26.94 6.57 -0.77
N SER B 161 -25.91 5.71 -0.83
CA SER B 161 -24.64 5.95 -0.12
C SER B 161 -23.78 7.07 -0.69
N VAL B 162 -22.75 7.43 0.08
CA VAL B 162 -21.77 8.40 -0.44
C VAL B 162 -21.28 7.98 -1.83
N TRP B 163 -21.04 6.67 -2.02
CA TRP B 163 -20.52 6.23 -3.28
C TRP B 163 -21.50 6.47 -4.35
N TYR B 164 -22.71 6.00 -4.14
CA TYR B 164 -23.70 6.18 -5.16
C TYR B 164 -24.10 7.63 -5.48
N LYS B 165 -24.30 8.40 -4.44
CA LYS B 165 -24.68 9.84 -4.59
C LYS B 165 -23.62 10.57 -5.37
N THR B 166 -22.33 10.29 -5.12
CA THR B 166 -21.31 11.09 -5.74
C THR B 166 -20.87 10.56 -7.12
N ILE B 167 -20.77 9.23 -7.25
CA ILE B 167 -20.25 8.58 -8.46
C ILE B 167 -21.31 8.10 -9.48
N GLY B 168 -22.47 7.76 -8.95
CA GLY B 168 -23.47 7.03 -9.71
C GLY B 168 -23.13 5.57 -9.73
N PRO B 169 -23.95 4.80 -10.40
CA PRO B 169 -23.84 3.32 -10.36
C PRO B 169 -22.50 2.72 -10.83
N GLU B 170 -21.69 3.47 -11.59
CA GLU B 170 -20.47 2.88 -12.08
C GLU B 170 -19.50 2.56 -10.92
N TYR B 171 -19.71 3.07 -9.68
CA TYR B 171 -18.75 2.70 -8.63
C TYR B 171 -18.67 1.17 -8.44
N ILE B 172 -19.78 0.46 -8.72
CA ILE B 172 -19.82 -0.94 -8.44
C ILE B 172 -18.94 -1.70 -9.50
N GLU B 173 -19.16 -1.39 -10.80
CA GLU B 173 -18.38 -2.00 -11.85
C GLU B 173 -16.89 -1.69 -11.60
N LYS B 174 -16.59 -0.45 -11.31
CA LYS B 174 -15.18 -0.01 -11.17
C LYS B 174 -14.56 -0.77 -9.98
N ALA B 175 -15.29 -0.94 -8.88
CA ALA B 175 -14.65 -1.55 -7.66
C ALA B 175 -14.26 -2.98 -8.06
N PHE B 176 -15.12 -3.76 -8.77
CA PHE B 176 -14.78 -5.13 -9.12
C PHE B 176 -13.67 -5.16 -10.15
N ARG B 177 -13.66 -4.24 -11.12
CA ARG B 177 -12.52 -4.25 -12.08
C ARG B 177 -11.17 -3.91 -11.38
N TRP B 178 -11.19 -2.91 -10.50
CA TRP B 178 -9.92 -2.58 -9.76
C TRP B 178 -9.43 -3.67 -8.83
N THR B 179 -10.38 -4.36 -8.17
CA THR B 179 -10.01 -5.45 -7.30
C THR B 179 -9.38 -6.62 -8.12
N LYS B 180 -9.97 -6.97 -9.31
CA LYS B 180 -9.43 -8.07 -10.13
C LYS B 180 -8.06 -7.71 -10.67
N GLU B 181 -7.83 -6.45 -10.95
CA GLU B 181 -6.46 -6.02 -11.40
C GLU B 181 -5.45 -6.23 -10.28
N ALA B 182 -5.83 -5.91 -9.03
CA ALA B 182 -4.92 -5.99 -7.96
C ALA B 182 -4.69 -7.43 -7.48
N ASP B 183 -5.67 -8.32 -7.65
CA ASP B 183 -5.45 -9.74 -7.32
C ASP B 183 -6.24 -10.60 -8.23
N PRO B 184 -5.68 -11.01 -9.40
CA PRO B 184 -6.42 -11.72 -10.41
C PRO B 184 -6.89 -13.09 -9.93
N ASP B 185 -6.28 -13.61 -8.87
CA ASP B 185 -6.67 -14.93 -8.38
C ASP B 185 -7.82 -14.91 -7.35
N ALA B 186 -8.16 -13.74 -6.85
CA ALA B 186 -9.18 -13.70 -5.77
C ALA B 186 -10.56 -13.93 -6.38
N ILE B 187 -11.41 -14.63 -5.66
CA ILE B 187 -12.84 -14.84 -5.98
C ILE B 187 -13.57 -13.59 -5.50
N LEU B 188 -14.23 -12.85 -6.42
CA LEU B 188 -14.80 -11.58 -6.05
C LEU B 188 -16.36 -11.76 -5.96
N ILE B 189 -16.89 -11.29 -4.82
CA ILE B 189 -18.32 -11.42 -4.65
C ILE B 189 -18.97 -10.10 -4.27
N TYR B 190 -20.30 -10.06 -4.58
CA TYR B 190 -21.21 -9.07 -4.06
C TYR B 190 -21.97 -9.67 -2.86
N ASN B 191 -22.07 -8.95 -1.74
CA ASN B 191 -22.63 -9.60 -0.53
C ASN B 191 -23.84 -8.76 -0.07
N ASP B 192 -24.93 -9.44 0.35
CA ASP B 192 -26.04 -8.59 0.83
C ASP B 192 -27.00 -9.41 1.71
N TYR B 193 -27.83 -8.70 2.47
CA TYR B 193 -28.84 -9.37 3.32
C TYR B 193 -30.26 -9.27 2.71
N SER B 194 -31.06 -10.21 3.18
CA SER B 194 -32.51 -10.25 2.78
C SER B 194 -32.66 -10.40 1.32
N ILE B 195 -31.71 -11.13 0.68
CA ILE B 195 -31.83 -11.52 -0.74
C ILE B 195 -31.82 -13.01 -0.84
N GLU B 196 -32.08 -13.81 0.24
CA GLU B 196 -31.99 -15.28 0.07
C GLU B 196 -33.20 -15.78 -0.74
N GLU B 197 -34.33 -15.13 -0.61
CA GLU B 197 -35.57 -15.57 -1.34
C GLU B 197 -35.68 -14.79 -2.63
N ILE B 198 -36.55 -15.21 -3.55
CA ILE B 198 -36.91 -14.42 -4.66
C ILE B 198 -37.87 -13.27 -4.15
N ASN B 199 -37.46 -12.06 -4.30
CA ASN B 199 -38.24 -10.90 -3.80
C ASN B 199 -37.73 -9.64 -4.53
N ALA B 200 -38.29 -8.47 -4.24
CA ALA B 200 -37.91 -7.25 -4.99
C ALA B 200 -36.43 -6.95 -4.87
N LYS B 201 -35.89 -7.13 -3.67
CA LYS B 201 -34.44 -6.85 -3.48
C LYS B 201 -33.58 -7.84 -4.30
N SER B 202 -33.84 -9.15 -4.16
CA SER B 202 -33.00 -10.13 -4.91
C SER B 202 -33.16 -10.03 -6.40
N ASN B 203 -34.37 -9.60 -6.84
CA ASN B 203 -34.58 -9.40 -8.26
C ASN B 203 -33.75 -8.23 -8.76
N PHE B 204 -33.60 -7.19 -7.95
CA PHE B 204 -32.80 -6.05 -8.33
C PHE B 204 -31.33 -6.53 -8.37
N VAL B 205 -30.89 -7.30 -7.35
CA VAL B 205 -29.51 -7.80 -7.34
C VAL B 205 -29.21 -8.71 -8.54
N TYR B 206 -30.17 -9.61 -8.84
CA TYR B 206 -29.99 -10.57 -9.96
C TYR B 206 -29.84 -9.79 -11.23
N ASN B 207 -30.68 -8.77 -11.47
CA ASN B 207 -30.51 -8.01 -12.76
C ASN B 207 -29.24 -7.19 -12.79
N MET B 208 -28.83 -6.71 -11.61
CA MET B 208 -27.63 -5.88 -11.50
C MET B 208 -26.43 -6.77 -11.88
N ILE B 209 -26.35 -7.98 -11.31
CA ILE B 209 -25.18 -8.84 -11.54
C ILE B 209 -25.26 -9.39 -12.99
N LYS B 210 -26.44 -9.69 -13.50
CA LYS B 210 -26.60 -10.19 -14.87
C LYS B 210 -26.00 -9.12 -15.82
N GLU B 211 -26.32 -7.87 -15.60
CA GLU B 211 -25.84 -6.77 -16.45
C GLU B 211 -24.35 -6.54 -16.29
N LEU B 212 -23.83 -6.62 -15.06
CA LEU B 212 -22.38 -6.51 -14.90
C LEU B 212 -21.65 -7.60 -15.63
N LYS B 213 -22.09 -8.84 -15.50
CA LYS B 213 -21.35 -9.91 -16.14
C LYS B 213 -21.42 -9.83 -17.67
N GLU B 214 -22.54 -9.36 -18.17
CA GLU B 214 -22.71 -9.12 -19.65
C GLU B 214 -21.71 -8.05 -20.10
N LYS B 215 -21.35 -7.06 -19.29
CA LYS B 215 -20.23 -6.31 -19.69
C LYS B 215 -18.82 -6.72 -19.41
N GLY B 216 -18.69 -7.96 -18.95
CA GLY B 216 -17.36 -8.45 -18.61
C GLY B 216 -16.80 -8.03 -17.28
N VAL B 217 -17.67 -7.55 -16.39
CA VAL B 217 -17.18 -7.19 -15.04
C VAL B 217 -16.96 -8.51 -14.30
N PRO B 218 -15.80 -8.63 -13.58
CA PRO B 218 -15.47 -9.92 -12.97
C PRO B 218 -16.18 -10.12 -11.60
N VAL B 219 -17.50 -10.29 -11.64
CA VAL B 219 -18.24 -10.68 -10.42
C VAL B 219 -18.27 -12.16 -10.46
N ASP B 220 -17.50 -12.82 -9.56
CA ASP B 220 -17.37 -14.28 -9.59
C ASP B 220 -18.42 -14.96 -8.77
N GLY B 221 -18.99 -14.23 -7.77
CA GLY B 221 -19.87 -14.94 -6.86
C GLY B 221 -20.83 -13.96 -6.18
N ILE B 222 -21.75 -14.58 -5.48
CA ILE B 222 -22.75 -13.84 -4.67
C ILE B 222 -22.72 -14.35 -3.25
N GLY B 223 -22.81 -13.45 -2.27
CA GLY B 223 -22.83 -13.79 -0.86
C GLY B 223 -24.24 -13.45 -0.34
N PHE B 224 -24.83 -14.51 0.26
CA PHE B 224 -26.15 -14.29 0.95
C PHE B 224 -25.79 -14.27 2.45
N GLN B 225 -26.07 -13.16 3.12
CA GLN B 225 -25.60 -13.06 4.56
C GLN B 225 -26.32 -14.07 5.47
N MET B 226 -27.64 -14.29 5.24
CA MET B 226 -28.37 -15.28 6.03
C MET B 226 -28.48 -14.86 7.52
N HIS B 227 -28.79 -13.58 7.71
CA HIS B 227 -29.21 -13.07 9.05
C HIS B 227 -30.71 -13.33 9.16
N ILE B 228 -31.05 -14.51 9.69
CA ILE B 228 -32.50 -14.91 9.72
C ILE B 228 -32.91 -15.13 11.19
N ASP B 229 -34.20 -15.46 11.32
CA ASP B 229 -34.76 -15.69 12.65
C ASP B 229 -35.50 -17.02 12.70
N TYR B 230 -36.20 -17.21 13.81
CA TYR B 230 -36.83 -18.52 14.09
C TYR B 230 -38.02 -18.81 13.18
N ARG B 231 -38.42 -17.84 12.41
CA ARG B 231 -39.43 -18.06 11.32
C ARG B 231 -38.83 -18.76 10.12
N GLY B 232 -37.50 -18.90 10.04
CA GLY B 232 -36.88 -19.54 8.84
C GLY B 232 -37.09 -18.71 7.55
N LEU B 233 -37.03 -19.44 6.48
CA LEU B 233 -37.20 -18.85 5.09
C LEU B 233 -38.32 -19.57 4.43
N ASN B 234 -38.79 -18.99 3.30
CA ASN B 234 -39.55 -19.77 2.36
C ASN B 234 -38.52 -20.63 1.56
N TYR B 235 -38.51 -21.92 1.92
CA TYR B 235 -37.44 -22.82 1.44
C TYR B 235 -37.47 -23.02 -0.06
N ASP B 236 -38.66 -23.16 -0.65
CA ASP B 236 -38.79 -23.35 -2.08
C ASP B 236 -38.28 -22.08 -2.77
N SER B 237 -38.53 -20.89 -2.23
CA SER B 237 -38.08 -19.68 -2.95
C SER B 237 -36.53 -19.55 -2.79
N PHE B 238 -35.98 -19.93 -1.65
CA PHE B 238 -34.50 -19.93 -1.50
C PHE B 238 -33.90 -20.95 -2.49
N ARG B 239 -34.45 -22.16 -2.61
CA ARG B 239 -33.91 -23.14 -3.60
C ARG B 239 -33.95 -22.58 -5.00
N ARG B 240 -35.04 -21.93 -5.38
CA ARG B 240 -35.14 -21.36 -6.76
C ARG B 240 -34.24 -20.18 -6.92
N ASN B 241 -34.06 -19.38 -5.85
CA ASN B 241 -33.17 -18.21 -6.05
C ASN B 241 -31.70 -18.74 -6.17
N LEU B 242 -31.30 -19.74 -5.40
CA LEU B 242 -29.94 -20.26 -5.56
C LEU B 242 -29.75 -20.70 -6.96
N GLU B 243 -30.75 -21.41 -7.51
CA GLU B 243 -30.64 -21.90 -8.89
C GLU B 243 -30.48 -20.77 -9.87
N ARG B 244 -31.23 -19.68 -9.79
CA ARG B 244 -31.05 -18.66 -10.80
C ARG B 244 -29.72 -17.99 -10.70
N PHE B 245 -29.22 -17.75 -9.49
CA PHE B 245 -27.87 -17.14 -9.41
C PHE B 245 -26.81 -18.09 -9.89
N ALA B 246 -26.92 -19.39 -9.60
CA ALA B 246 -25.90 -20.33 -10.07
C ALA B 246 -25.90 -20.25 -11.61
N LYS B 247 -27.07 -20.10 -12.18
CA LYS B 247 -27.14 -20.24 -13.66
C LYS B 247 -26.58 -19.00 -14.32
N LEU B 248 -26.29 -17.92 -13.58
CA LEU B 248 -25.52 -16.76 -14.11
C LEU B 248 -24.01 -17.13 -14.12
N GLY B 249 -23.62 -18.31 -13.68
CA GLY B 249 -22.20 -18.62 -13.68
C GLY B 249 -21.54 -18.20 -12.39
N LEU B 250 -22.34 -17.96 -11.34
CA LEU B 250 -21.79 -17.56 -10.05
C LEU B 250 -21.48 -18.67 -9.01
N GLN B 251 -20.39 -18.50 -8.27
CA GLN B 251 -20.18 -19.30 -7.05
C GLN B 251 -21.07 -18.66 -5.99
N ILE B 252 -21.54 -19.47 -5.05
CA ILE B 252 -22.43 -18.93 -4.01
C ILE B 252 -21.81 -19.14 -2.64
N TYR B 253 -21.88 -18.12 -1.83
CA TYR B 253 -21.36 -18.19 -0.49
C TYR B 253 -22.49 -17.82 0.48
N ILE B 254 -22.62 -18.56 1.56
CA ILE B 254 -23.50 -18.14 2.66
C ILE B 254 -22.51 -17.52 3.67
N THR B 255 -22.65 -16.22 3.88
CA THR B 255 -21.49 -15.49 4.43
C THR B 255 -21.61 -15.09 5.90
N GLU B 256 -22.79 -14.85 6.44
CA GLU B 256 -22.94 -14.31 7.85
C GLU B 256 -24.11 -14.93 8.56
N MET B 257 -24.15 -16.23 8.50
CA MET B 257 -25.38 -16.87 9.03
C MET B 257 -25.54 -16.71 10.55
N ASP B 258 -26.77 -16.41 10.94
CA ASP B 258 -27.13 -16.52 12.38
C ASP B 258 -28.64 -16.66 12.41
N VAL B 259 -29.20 -17.34 13.41
CA VAL B 259 -30.64 -17.70 13.44
C VAL B 259 -31.13 -17.17 14.81
N ARG B 260 -31.53 -15.92 14.81
CA ARG B 260 -31.84 -15.22 16.12
C ARG B 260 -33.19 -15.71 16.67
N ILE B 261 -33.22 -15.80 17.98
CA ILE B 261 -34.44 -16.29 18.66
C ILE B 261 -34.75 -15.34 19.81
N PRO B 262 -36.04 -15.29 20.21
CA PRO B 262 -36.41 -14.38 21.28
C PRO B 262 -35.76 -14.79 22.53
N LEU B 263 -35.38 -13.81 23.33
CA LEU B 263 -34.76 -14.11 24.67
C LEU B 263 -35.80 -14.41 25.73
N SER B 264 -37.02 -13.93 25.51
CA SER B 264 -38.10 -14.20 26.46
C SER B 264 -38.65 -15.59 26.23
N GLY B 265 -38.46 -16.45 27.23
CA GLY B 265 -39.19 -17.73 27.30
C GLY B 265 -39.06 -18.78 26.21
N SER B 266 -39.54 -19.98 26.54
CA SER B 266 -39.61 -21.19 25.66
C SER B 266 -38.31 -21.52 24.97
N GLU B 267 -37.21 -21.48 25.72
CA GLU B 267 -35.92 -21.67 25.07
C GLU B 267 -35.74 -23.01 24.39
N ASP B 268 -36.17 -24.12 25.01
CA ASP B 268 -36.10 -25.43 24.35
C ASP B 268 -36.85 -25.43 22.98
N TYR B 269 -38.04 -24.86 22.95
CA TYR B 269 -38.78 -24.74 21.78
C TYR B 269 -37.99 -23.97 20.66
N TYR B 270 -37.44 -22.81 21.03
CA TYR B 270 -36.79 -21.98 19.99
C TYR B 270 -35.45 -22.62 19.61
N LEU B 271 -34.76 -23.30 20.53
CA LEU B 271 -33.52 -24.04 20.12
C LEU B 271 -33.76 -25.20 19.13
N LYS B 272 -34.90 -25.88 19.34
CA LYS B 272 -35.31 -26.91 18.44
C LYS B 272 -35.71 -26.30 17.08
N LYS B 273 -36.37 -25.15 17.06
CA LYS B 273 -36.72 -24.49 15.75
C LYS B 273 -35.42 -24.08 15.06
N GLN B 274 -34.46 -23.58 15.86
CA GLN B 274 -33.20 -23.02 15.23
C GLN B 274 -32.49 -24.23 14.62
N ALA B 275 -32.48 -25.40 15.30
CA ALA B 275 -31.81 -26.58 14.73
C ALA B 275 -32.45 -27.03 13.43
N GLU B 276 -33.80 -27.08 13.41
CA GLU B 276 -34.53 -27.43 12.18
C GLU B 276 -34.17 -26.50 11.01
N ILE B 277 -34.13 -25.20 11.31
CA ILE B 277 -33.85 -24.21 10.26
C ILE B 277 -32.43 -24.47 9.73
N CYS B 278 -31.48 -24.62 10.67
CA CYS B 278 -30.08 -24.76 10.20
C CYS B 278 -29.95 -26.04 9.35
N ALA B 279 -30.57 -27.14 9.80
CA ALA B 279 -30.52 -28.39 9.03
C ALA B 279 -31.12 -28.14 7.65
N LYS B 280 -32.23 -27.44 7.54
CA LYS B 280 -32.86 -27.25 6.26
C LYS B 280 -31.99 -26.45 5.32
N ILE B 281 -31.41 -25.38 5.84
CA ILE B 281 -30.51 -24.49 5.05
C ILE B 281 -29.30 -25.31 4.54
N PHE B 282 -28.66 -26.08 5.45
CA PHE B 282 -27.57 -26.94 4.99
C PHE B 282 -28.02 -27.96 3.92
N ASP B 283 -29.18 -28.58 4.12
CA ASP B 283 -29.67 -29.59 3.14
C ASP B 283 -29.83 -28.94 1.75
N ILE B 284 -30.45 -27.76 1.70
CA ILE B 284 -30.59 -27.03 0.42
C ILE B 284 -29.23 -26.63 -0.20
N CYS B 285 -28.36 -26.13 0.64
CA CYS B 285 -27.07 -25.66 0.09
C CYS B 285 -26.24 -26.83 -0.36
N LEU B 286 -26.26 -27.96 0.36
CA LEU B 286 -25.44 -29.13 -0.08
C LEU B 286 -25.95 -29.77 -1.33
N ASP B 287 -27.19 -29.46 -1.68
CA ASP B 287 -27.77 -29.98 -2.93
C ASP B 287 -27.45 -29.14 -4.14
N ASN B 288 -26.83 -27.99 -3.90
CA ASN B 288 -26.49 -27.10 -5.00
C ASN B 288 -24.99 -26.97 -5.07
N PRO B 289 -24.32 -27.56 -6.12
CA PRO B 289 -22.87 -27.56 -6.16
C PRO B 289 -22.25 -26.17 -6.35
N ALA B 290 -23.02 -25.14 -6.64
CA ALA B 290 -22.43 -23.80 -6.72
C ALA B 290 -22.19 -23.19 -5.35
N VAL B 291 -22.76 -23.80 -4.32
CA VAL B 291 -22.52 -23.24 -2.94
C VAL B 291 -21.17 -23.79 -2.46
N LYS B 292 -20.24 -22.85 -2.29
CA LYS B 292 -18.84 -23.22 -1.96
C LYS B 292 -18.51 -23.13 -0.49
N ALA B 293 -19.25 -22.36 0.32
CA ALA B 293 -18.85 -22.18 1.72
C ALA B 293 -20.05 -21.71 2.46
N ILE B 294 -20.17 -22.10 3.75
CA ILE B 294 -21.21 -21.59 4.67
C ILE B 294 -20.45 -21.07 5.89
N GLN B 295 -20.65 -19.82 6.22
CA GLN B 295 -20.04 -19.22 7.42
C GLN B 295 -21.10 -18.61 8.28
N PHE B 296 -20.90 -18.69 9.59
CA PHE B 296 -21.76 -18.09 10.60
C PHE B 296 -21.11 -16.80 11.04
N TRP B 297 -21.94 -15.83 11.49
CA TRP B 297 -21.39 -14.57 11.85
C TRP B 297 -20.94 -14.59 13.30
N GLY B 298 -19.86 -15.36 13.51
CA GLY B 298 -19.39 -15.73 14.86
C GLY B 298 -19.68 -17.23 15.04
N PHE B 299 -19.44 -17.74 16.25
CA PHE B 299 -19.81 -19.11 16.50
C PHE B 299 -20.26 -19.37 17.91
N THR B 300 -19.90 -18.51 18.88
CA THR B 300 -20.40 -18.65 20.25
C THR B 300 -21.33 -17.49 20.57
N ASP B 301 -22.45 -17.85 21.19
CA ASP B 301 -23.35 -16.76 21.66
C ASP B 301 -22.69 -15.74 22.61
N LYS B 302 -21.55 -16.06 23.20
CA LYS B 302 -20.86 -15.12 24.05
C LYS B 302 -20.38 -13.90 23.23
N TYR B 303 -20.17 -14.12 21.91
CA TYR B 303 -19.61 -13.02 21.04
C TYR B 303 -20.42 -12.97 19.75
N SER B 304 -21.51 -12.19 19.86
CA SER B 304 -22.42 -12.02 18.71
C SER B 304 -22.97 -10.62 18.64
N TRP B 305 -23.06 -10.10 17.42
CA TRP B 305 -23.61 -8.79 17.20
C TRP B 305 -25.14 -8.74 17.41
N VAL B 306 -25.80 -9.91 17.50
CA VAL B 306 -27.27 -10.00 17.48
C VAL B 306 -27.98 -9.25 18.58
N PRO B 307 -27.64 -9.50 19.83
CA PRO B 307 -28.45 -8.86 20.87
C PRO B 307 -28.31 -7.34 20.81
N GLY B 308 -27.16 -6.79 20.45
CA GLY B 308 -27.05 -5.33 20.34
C GLY B 308 -27.72 -4.72 19.12
N PHE B 309 -27.97 -5.51 18.06
CA PHE B 309 -28.47 -4.96 16.79
C PHE B 309 -29.98 -5.22 16.61
N PHE B 310 -30.45 -6.36 17.09
CA PHE B 310 -31.83 -6.78 16.99
C PHE B 310 -32.41 -6.84 18.41
N LYS B 311 -33.01 -5.74 18.84
CA LYS B 311 -33.52 -5.68 20.23
C LYS B 311 -34.45 -6.86 20.60
N GLY B 312 -34.21 -7.47 21.74
CA GLY B 312 -35.10 -8.57 22.17
C GLY B 312 -34.68 -9.99 21.74
N TYR B 313 -33.65 -10.03 20.89
CA TYR B 313 -33.30 -11.33 20.24
C TYR B 313 -31.91 -11.70 20.61
N GLY B 314 -31.56 -12.99 20.40
CA GLY B 314 -30.19 -13.40 20.65
C GLY B 314 -30.02 -14.90 20.48
N LYS B 315 -29.04 -15.49 21.19
CA LYS B 315 -28.78 -16.94 21.23
C LYS B 315 -28.79 -17.50 19.78
N ALA B 316 -28.09 -16.79 18.88
CA ALA B 316 -28.28 -17.05 17.46
C ALA B 316 -27.21 -17.94 16.78
N LEU B 317 -26.28 -18.47 17.58
CA LEU B 317 -25.11 -19.13 16.98
C LEU B 317 -25.02 -20.60 17.35
N LEU B 318 -23.87 -21.25 17.04
CA LEU B 318 -23.70 -22.74 17.13
C LEU B 318 -23.39 -23.22 18.53
N PHE B 319 -22.69 -22.38 19.27
CA PHE B 319 -22.23 -22.71 20.65
C PHE B 319 -22.83 -21.75 21.62
N ASP B 320 -23.08 -22.24 22.83
CA ASP B 320 -23.61 -21.30 23.85
C ASP B 320 -22.48 -20.51 24.52
N GLU B 321 -22.85 -19.67 25.51
CA GLU B 321 -21.83 -18.71 26.05
C GLU B 321 -20.67 -19.45 26.77
N ASN B 322 -20.86 -20.73 27.11
CA ASN B 322 -19.82 -21.50 27.69
C ASN B 322 -19.09 -22.45 26.71
N TYR B 323 -19.31 -22.22 25.41
CA TYR B 323 -18.74 -23.01 24.32
C TYR B 323 -19.22 -24.44 24.22
N ASN B 324 -20.40 -24.67 24.77
CA ASN B 324 -21.01 -26.00 24.62
C ASN B 324 -21.86 -25.98 23.41
N PRO B 325 -21.81 -27.06 22.63
CA PRO B 325 -22.60 -27.06 21.40
C PRO B 325 -24.10 -27.07 21.66
N LYS B 326 -24.79 -26.32 20.84
CA LYS B 326 -26.28 -26.23 20.90
C LYS B 326 -26.93 -27.29 20.00
N PRO B 327 -28.30 -27.46 20.05
CA PRO B 327 -28.91 -28.46 19.19
C PRO B 327 -28.61 -28.20 17.72
N CYS B 328 -28.49 -26.92 17.30
CA CYS B 328 -28.25 -26.64 15.84
C CYS B 328 -26.90 -27.18 15.39
N TYR B 329 -25.88 -27.18 16.31
CA TYR B 329 -24.60 -27.74 15.95
C TYR B 329 -24.74 -29.25 15.62
N TYR B 330 -25.47 -30.00 16.48
CA TYR B 330 -25.64 -31.46 16.18
C TYR B 330 -26.47 -31.71 14.95
N ALA B 331 -27.49 -30.84 14.75
CA ALA B 331 -28.33 -30.96 13.59
C ALA B 331 -27.53 -30.75 12.29
N ILE B 332 -26.71 -29.71 12.24
CA ILE B 332 -25.87 -29.52 11.03
C ILE B 332 -24.85 -30.69 10.86
N LYS B 333 -24.17 -31.10 11.94
CA LYS B 333 -23.23 -32.22 11.84
C LYS B 333 -23.93 -33.46 11.28
N GLU B 334 -25.18 -33.74 11.74
CA GLU B 334 -25.92 -34.92 11.24
C GLU B 334 -26.20 -34.86 9.71
N VAL B 335 -26.62 -33.66 9.23
CA VAL B 335 -26.86 -33.47 7.82
C VAL B 335 -25.57 -33.65 7.02
N LEU B 336 -24.46 -33.10 7.52
CA LEU B 336 -23.17 -33.28 6.81
C LEU B 336 -22.77 -34.74 6.75
N GLU B 337 -22.86 -35.42 7.87
CA GLU B 337 -22.47 -36.85 7.93
C GLU B 337 -23.38 -37.64 7.00
N LYS B 338 -24.70 -37.32 6.92
CA LYS B 338 -25.64 -38.05 6.06
C LYS B 338 -25.26 -37.82 4.61
N LYS B 339 -24.76 -36.64 4.28
CA LYS B 339 -24.50 -36.30 2.86
C LYS B 339 -23.26 -37.06 2.39
N ILE B 340 -22.31 -37.23 3.28
CA ILE B 340 -21.08 -37.96 2.98
C ILE B 340 -21.35 -39.46 2.80
N GLU B 341 -22.08 -40.08 3.74
CA GLU B 341 -22.41 -41.48 3.51
C GLU B 341 -23.56 -41.50 2.50
#